data_9KUS
#
_entry.id   9KUS
#
_cell.length_a   1.00
_cell.length_b   1.00
_cell.length_c   1.00
_cell.angle_alpha   90.00
_cell.angle_beta   90.00
_cell.angle_gamma   90.00
#
_symmetry.space_group_name_H-M   'P 1'
#
_entity_poly.entity_id   1
_entity_poly.type   'polypeptide(L)'
_entity_poly.pdbx_seq_one_letter_code
;MDQEKELPTSNKIDVENGDGSNRAEEEELCSYSNAIELAFSVVLPMVMKAAVELQVLDIIAKAGPRAQLSPSQIASQLPA
AALRCSPDAPKMLDRMLCLLASHSILTCSAVDFHSDDHNDSPSTAAAALEDKRLYGLTPLAKYFVPNQDGVSLGPLMCLV
QDKVCMKSWYELKGAVLEGGVPFMRVYGVESFDYPGTDPRFNEVLNNAMVNYSTIFLKKLMQSSYNGFEQVETLVDVGGG
LGVALELITSKYPHIKAINFDLPHVIKHAKPYPGLEHVGGDMFESVPKGDAIFMKGVLHDWSDDLCLKLLKNCYKALPDN
GKIIAVERILPEMPNSAGKGIFLMDLQMMTHHLGGRERTQQEYFDLAISAGFSGIRLECLVCNLWVIELYK
;
_entity_poly.pdbx_strand_id   A,B
#
# COMPACT_ATOMS: atom_id res chain seq x y z
N ALA A 24 -29.64 -0.76 8.47
CA ALA A 24 -28.33 -1.22 8.06
C ALA A 24 -27.60 -0.17 7.24
N GLU A 25 -28.19 1.03 7.18
CA GLU A 25 -27.55 2.13 6.45
C GLU A 25 -26.22 2.52 7.09
N GLU A 26 -26.17 2.53 8.43
CA GLU A 26 -24.92 2.87 9.12
C GLU A 26 -23.81 1.89 8.75
N GLU A 27 -24.13 0.59 8.71
CA GLU A 27 -23.15 -0.41 8.28
C GLU A 27 -22.84 -0.26 6.80
N GLU A 28 -23.84 -0.02 5.97
CA GLU A 28 -23.65 0.01 4.53
C GLU A 28 -22.71 1.14 4.11
N LEU A 29 -22.98 2.36 4.59
CA LEU A 29 -22.15 3.49 4.23
C LEU A 29 -20.72 3.33 4.73
N CYS A 30 -20.56 2.88 5.98
CA CYS A 30 -19.22 2.68 6.53
C CYS A 30 -18.45 1.62 5.75
N SER A 31 -19.12 0.52 5.41
CA SER A 31 -18.45 -0.54 4.65
C SER A 31 -18.06 -0.07 3.25
N TYR A 32 -18.93 0.68 2.59
CA TYR A 32 -18.59 1.20 1.27
C TYR A 32 -17.42 2.18 1.35
N SER A 33 -17.41 3.05 2.35
CA SER A 33 -16.29 3.99 2.50
C SER A 33 -14.99 3.24 2.77
N ASN A 34 -15.04 2.20 3.61
CA ASN A 34 -13.84 1.42 3.88
C ASN A 34 -13.37 0.66 2.65
N ALA A 35 -14.29 0.12 1.86
CA ALA A 35 -13.90 -0.55 0.63
C ALA A 35 -13.25 0.41 -0.35
N ILE A 36 -13.80 1.63 -0.47
CA ILE A 36 -13.19 2.63 -1.35
C ILE A 36 -11.79 2.99 -0.85
N GLU A 37 -11.64 3.16 0.47
CA GLU A 37 -10.32 3.43 1.03
C GLU A 37 -9.35 2.29 0.78
N LEU A 38 -9.83 1.05 0.78
CA LEU A 38 -8.97 -0.11 0.54
C LEU A 38 -8.59 -0.27 -0.92
N ALA A 39 -9.46 0.17 -1.84
CA ALA A 39 -9.17 0.00 -3.27
C ALA A 39 -7.91 0.77 -3.67
N PHE A 40 -7.74 1.98 -3.16
CA PHE A 40 -6.61 2.83 -3.50
C PHE A 40 -5.47 2.74 -2.48
N SER A 41 -5.27 1.57 -1.87
CA SER A 41 -4.38 1.45 -0.72
C SER A 41 -2.91 1.66 -1.05
N VAL A 42 -2.52 1.61 -2.32
CA VAL A 42 -1.10 1.73 -2.66
C VAL A 42 -0.65 3.19 -2.77
N VAL A 43 -1.61 4.13 -2.84
CA VAL A 43 -1.26 5.52 -3.04
C VAL A 43 -0.49 6.07 -1.84
N LEU A 44 -0.90 5.73 -0.63
CA LEU A 44 -0.19 6.22 0.55
C LEU A 44 1.24 5.70 0.63
N PRO A 45 1.53 4.40 0.47
CA PRO A 45 2.94 3.99 0.45
C PRO A 45 3.72 4.51 -0.75
N MET A 46 3.06 4.80 -1.88
CA MET A 46 3.80 5.42 -2.98
C MET A 46 4.10 6.88 -2.76
N VAL A 47 3.27 7.59 -1.98
CA VAL A 47 3.51 8.99 -1.68
C VAL A 47 4.50 9.16 -0.53
N MET A 48 4.46 8.25 0.45
CA MET A 48 5.40 8.33 1.56
C MET A 48 6.84 8.17 1.09
N LYS A 49 7.06 7.26 0.14
CA LYS A 49 8.40 7.08 -0.43
C LYS A 49 8.89 8.32 -1.14
N ALA A 50 8.02 8.99 -1.91
CA ALA A 50 8.42 10.20 -2.60
C ALA A 50 8.65 11.35 -1.63
N ALA A 51 7.88 11.40 -0.54
CA ALA A 51 8.09 12.44 0.47
C ALA A 51 9.33 12.20 1.32
N VAL A 52 9.77 10.95 1.45
CA VAL A 52 11.03 10.64 2.11
C VAL A 52 12.22 10.91 1.21
N GLU A 53 12.12 10.52 -0.08
CA GLU A 53 13.23 10.73 -1.00
C GLU A 53 13.45 12.21 -1.28
N LEU A 54 12.39 13.00 -1.28
CA LEU A 54 12.50 14.45 -1.50
C LEU A 54 13.09 15.19 -0.31
N GLN A 55 13.33 14.50 0.80
CA GLN A 55 13.83 15.12 2.02
C GLN A 55 12.89 16.23 2.48
N VAL A 56 11.60 15.92 2.57
CA VAL A 56 10.61 16.86 3.09
C VAL A 56 10.47 16.76 4.59
N LEU A 57 10.48 15.54 5.14
CA LEU A 57 10.44 15.36 6.58
C LEU A 57 11.68 15.93 7.25
N ASP A 58 12.81 16.01 6.54
CA ASP A 58 14.03 16.58 7.12
C ASP A 58 13.94 18.10 7.21
N ILE A 59 13.39 18.75 6.18
CA ILE A 59 13.32 20.21 6.17
C ILE A 59 12.39 20.72 7.26
N ILE A 60 11.28 20.01 7.52
CA ILE A 60 10.36 20.42 8.57
C ILE A 60 11.05 20.35 9.93
N ALA A 61 11.90 19.33 10.15
CA ALA A 61 12.56 19.14 11.44
C ALA A 61 13.94 19.80 11.46
N LYS A 62 14.29 20.59 10.45
CA LYS A 62 15.56 21.29 10.45
C LYS A 62 15.31 22.75 10.82
N ALA A 63 14.25 22.99 11.60
CA ALA A 63 13.91 24.34 12.04
C ALA A 63 13.52 24.33 13.51
N GLY A 64 13.96 23.31 14.24
CA GLY A 64 13.68 23.19 15.65
C GLY A 64 12.37 22.51 15.93
N PRO A 65 12.17 22.08 17.17
CA PRO A 65 10.91 21.42 17.53
C PRO A 65 9.75 22.38 17.47
N ARG A 66 8.54 21.82 17.30
CA ARG A 66 7.31 22.58 17.11
C ARG A 66 7.46 23.57 15.96
N ALA A 67 7.73 23.01 14.78
CA ALA A 67 8.11 23.81 13.63
C ALA A 67 6.92 24.48 12.96
N GLN A 68 5.99 23.68 12.44
CA GLN A 68 4.82 24.19 11.72
C GLN A 68 5.22 25.08 10.56
N LEU A 69 5.89 24.51 9.55
CA LEU A 69 6.34 25.25 8.38
C LEU A 69 5.33 25.11 7.25
N SER A 70 5.08 26.22 6.57
CA SER A 70 4.14 26.26 5.46
C SER A 70 4.74 25.58 4.23
N PRO A 71 3.89 25.15 3.29
CA PRO A 71 4.41 24.52 2.06
C PRO A 71 5.32 25.42 1.24
N SER A 72 5.15 26.74 1.30
CA SER A 72 6.01 27.63 0.52
C SER A 72 7.46 27.53 0.97
N GLN A 73 7.70 27.54 2.28
CA GLN A 73 9.07 27.44 2.78
C GLN A 73 9.68 26.09 2.45
N ILE A 74 8.88 25.02 2.55
CA ILE A 74 9.38 23.68 2.22
C ILE A 74 9.76 23.61 0.75
N ALA A 75 8.94 24.20 -0.12
CA ALA A 75 9.24 24.25 -1.54
C ALA A 75 10.34 25.25 -1.88
N SER A 76 10.72 26.10 -0.93
CA SER A 76 11.78 27.07 -1.16
C SER A 76 13.15 26.61 -0.65
N GLN A 77 13.26 25.41 -0.08
CA GLN A 77 14.52 24.89 0.41
C GLN A 77 14.87 23.54 -0.18
N LEU A 78 14.11 23.05 -1.14
CA LEU A 78 14.42 21.75 -1.73
C LEU A 78 15.74 21.81 -2.48
N PRO A 79 16.56 20.75 -2.43
CA PRO A 79 17.79 20.71 -3.25
C PRO A 79 17.48 20.53 -4.72
N ALA A 80 17.03 21.61 -5.34
CA ALA A 80 16.57 21.56 -6.72
C ALA A 80 17.70 21.18 -7.66
N ALA A 81 17.39 20.33 -8.64
CA ALA A 81 18.34 19.93 -9.66
C ALA A 81 18.47 20.97 -10.77
N ALA A 82 17.65 22.02 -10.76
CA ALA A 82 17.72 23.06 -11.77
C ALA A 82 17.72 24.41 -11.08
N LEU A 83 17.81 25.47 -11.89
CA LEU A 83 17.84 26.82 -11.34
C LEU A 83 16.55 27.18 -10.62
N ARG A 84 15.41 26.82 -11.19
CA ARG A 84 14.11 27.21 -10.65
C ARG A 84 13.12 26.07 -10.84
N CYS A 85 12.41 25.73 -9.76
CA CYS A 85 11.38 24.69 -9.82
C CYS A 85 10.13 25.24 -10.49
N SER A 86 9.21 24.33 -10.81
CA SER A 86 7.98 24.74 -11.47
C SER A 86 7.16 25.66 -10.56
N PRO A 87 6.48 26.64 -11.13
CA PRO A 87 5.70 27.59 -10.30
C PRO A 87 4.62 26.92 -9.48
N ASP A 88 4.12 25.77 -9.94
CA ASP A 88 3.05 25.06 -9.27
C ASP A 88 3.56 23.92 -8.39
N ALA A 89 4.87 23.84 -8.15
CA ALA A 89 5.41 22.88 -7.20
C ALA A 89 4.84 23.02 -5.78
N PRO A 90 4.68 24.23 -5.21
CA PRO A 90 4.07 24.32 -3.89
C PRO A 90 2.66 23.76 -3.82
N LYS A 91 1.91 23.77 -4.92
CA LYS A 91 0.60 23.15 -4.91
C LYS A 91 0.71 21.63 -4.80
N MET A 92 1.64 21.02 -5.55
CA MET A 92 1.84 19.58 -5.46
C MET A 92 2.32 19.19 -4.07
N LEU A 93 3.25 19.95 -3.50
CA LEU A 93 3.71 19.64 -2.15
C LEU A 93 2.59 19.77 -1.14
N ASP A 94 1.73 20.79 -1.28
CA ASP A 94 0.60 20.93 -0.37
C ASP A 94 -0.36 19.76 -0.51
N ARG A 95 -0.63 19.32 -1.75
CA ARG A 95 -1.55 18.20 -1.94
C ARG A 95 -0.99 16.91 -1.39
N MET A 96 0.33 16.72 -1.45
CA MET A 96 0.94 15.54 -0.86
C MET A 96 0.91 15.59 0.67
N LEU A 97 1.26 16.75 1.23
CA LEU A 97 1.30 16.88 2.68
C LEU A 97 -0.09 16.79 3.30
N CYS A 98 -1.13 17.19 2.56
CA CYS A 98 -2.49 17.01 3.07
C CYS A 98 -2.81 15.54 3.24
N LEU A 99 -2.48 14.71 2.24
CA LEU A 99 -2.70 13.28 2.35
C LEU A 99 -1.89 12.68 3.49
N LEU A 100 -0.63 13.10 3.62
CA LEU A 100 0.18 12.57 4.70
C LEU A 100 -0.35 12.99 6.08
N ALA A 101 -0.91 14.19 6.20
CA ALA A 101 -1.46 14.63 7.48
C ALA A 101 -2.81 13.99 7.78
N SER A 102 -3.52 13.52 6.75
CA SER A 102 -4.78 12.84 6.99
C SER A 102 -4.62 11.50 7.70
N HIS A 103 -3.42 10.93 7.71
CA HIS A 103 -3.16 9.64 8.32
C HIS A 103 -2.33 9.74 9.60
N SER A 104 -2.36 10.89 10.26
CA SER A 104 -1.68 11.12 11.55
C SER A 104 -0.16 11.06 11.44
N ILE A 105 0.36 10.95 10.22
CA ILE A 105 1.81 11.01 10.04
C ILE A 105 2.30 12.43 10.29
N LEU A 106 1.52 13.44 9.91
CA LEU A 106 1.85 14.84 10.14
C LEU A 106 0.69 15.53 10.83
N THR A 107 1.01 16.58 11.57
CA THR A 107 -0.02 17.42 12.18
C THR A 107 -0.21 18.70 11.37
N CYS A 108 -1.46 19.01 11.05
CA CYS A 108 -1.80 20.13 10.20
C CYS A 108 -2.65 21.13 10.99
N SER A 109 -2.35 22.41 10.82
CA SER A 109 -3.10 23.45 11.52
C SER A 109 -3.31 24.64 10.60
N ALA A 110 -4.53 25.18 10.63
CA ALA A 110 -4.85 26.34 9.81
C ALA A 110 -4.20 27.59 10.39
N VAL A 111 -3.78 28.49 9.49
CA VAL A 111 -3.15 29.74 9.91
C VAL A 111 -4.24 30.75 10.23
N ASP A 112 -3.98 31.61 11.22
CA ASP A 112 -4.94 32.64 11.63
C ASP A 112 -4.75 33.87 10.75
N PHE A 113 -5.62 33.99 9.75
CA PHE A 113 -5.60 35.14 8.86
C PHE A 113 -6.05 36.41 9.59
N ALA A 127 -4.08 36.18 -0.32
CA ALA A 127 -3.24 35.09 0.15
C ALA A 127 -3.37 33.87 -0.76
N ALA A 128 -2.26 33.18 -0.97
CA ALA A 128 -2.25 32.01 -1.83
C ALA A 128 -2.79 30.79 -1.09
N LEU A 129 -3.08 29.73 -1.85
CA LEU A 129 -3.60 28.50 -1.27
C LEU A 129 -2.58 27.87 -0.33
N GLU A 130 -1.30 27.90 -0.71
CA GLU A 130 -0.25 27.31 0.09
C GLU A 130 -0.03 28.01 1.42
N ASP A 131 -0.59 29.21 1.61
CA ASP A 131 -0.45 29.94 2.87
C ASP A 131 -1.43 29.43 3.91
N LYS A 132 -2.45 28.67 3.52
CA LYS A 132 -3.57 28.36 4.42
C LYS A 132 -3.15 27.46 5.58
N ARG A 133 -2.25 26.50 5.34
CA ARG A 133 -1.99 25.45 6.32
C ARG A 133 -0.53 25.42 6.73
N LEU A 134 -0.28 24.91 7.94
CA LEU A 134 1.06 24.68 8.46
C LEU A 134 1.17 23.23 8.91
N TYR A 135 2.33 22.61 8.66
CA TYR A 135 2.54 21.19 8.90
C TYR A 135 3.70 20.97 9.85
N GLY A 136 3.57 19.96 10.70
CA GLY A 136 4.60 19.64 11.67
C GLY A 136 4.71 18.14 11.86
N LEU A 137 5.85 17.71 12.41
CA LEU A 137 6.14 16.29 12.51
C LEU A 137 5.46 15.66 13.71
N THR A 138 4.90 14.47 13.51
CA THR A 138 4.39 13.59 14.55
C THR A 138 5.52 12.69 15.05
N PRO A 139 5.44 12.20 16.29
CA PRO A 139 6.43 11.21 16.74
C PRO A 139 6.50 9.96 15.86
N LEU A 140 5.42 9.63 15.14
CA LEU A 140 5.49 8.54 14.19
C LEU A 140 6.46 8.85 13.06
N ALA A 141 6.48 10.10 12.59
CA ALA A 141 7.32 10.46 11.45
C ALA A 141 8.78 10.64 11.83
N LYS A 142 9.08 10.78 13.12
CA LYS A 142 10.46 11.00 13.52
C LYS A 142 11.33 9.76 13.41
N TYR A 143 10.75 8.59 13.14
CA TYR A 143 11.56 7.41 12.88
C TYR A 143 12.16 7.40 11.48
N PHE A 144 11.65 8.24 10.58
CA PHE A 144 12.19 8.33 9.22
C PHE A 144 13.22 9.43 9.07
N VAL A 145 13.18 10.43 9.93
CA VAL A 145 14.25 11.44 9.97
C VAL A 145 15.46 10.86 10.67
N PRO A 146 16.67 10.99 10.09
CA PRO A 146 17.87 10.45 10.75
C PRO A 146 18.07 10.98 12.16
N ASN A 147 18.02 10.09 13.15
CA ASN A 147 18.09 10.48 14.54
C ASN A 147 19.54 10.68 14.96
N GLN A 148 19.78 10.73 16.28
CA GLN A 148 21.10 11.09 16.80
C GLN A 148 22.20 10.17 16.29
N ASP A 149 21.90 8.89 16.09
CA ASP A 149 22.87 7.96 15.55
C ASP A 149 22.99 8.03 14.04
N GLY A 150 22.14 8.81 13.37
CA GLY A 150 22.16 8.89 11.93
C GLY A 150 21.51 7.73 11.22
N VAL A 151 20.55 7.06 11.87
CA VAL A 151 19.90 5.89 11.32
C VAL A 151 18.39 6.07 11.38
N SER A 152 17.70 5.47 10.41
CA SER A 152 16.25 5.60 10.30
C SER A 152 15.73 4.44 9.48
N LEU A 153 14.40 4.39 9.35
CA LEU A 153 13.73 3.35 8.58
C LEU A 153 13.49 3.73 7.13
N GLY A 154 14.03 4.87 6.67
CA GLY A 154 13.88 5.29 5.30
C GLY A 154 14.50 4.33 4.30
N PRO A 155 15.75 3.92 4.51
CA PRO A 155 16.36 2.93 3.61
C PRO A 155 15.60 1.61 3.56
N LEU A 156 14.98 1.17 4.66
CA LEU A 156 14.17 -0.03 4.62
C LEU A 156 12.97 0.15 3.70
N MET A 157 12.30 1.29 3.78
CA MET A 157 11.18 1.57 2.90
C MET A 157 11.63 1.63 1.44
N CYS A 158 12.78 2.23 1.18
CA CYS A 158 13.30 2.25 -0.18
C CYS A 158 13.63 0.86 -0.69
N LEU A 159 14.18 0.00 0.16
CA LEU A 159 14.49 -1.38 -0.25
C LEU A 159 13.21 -2.16 -0.55
N VAL A 160 12.17 -1.98 0.28
CA VAL A 160 10.95 -2.74 0.10
C VAL A 160 10.28 -2.43 -1.24
N GLN A 161 10.33 -1.18 -1.69
CA GLN A 161 9.59 -0.75 -2.88
C GLN A 161 10.49 -0.55 -4.09
N ASP A 162 11.68 -1.15 -4.11
CA ASP A 162 12.54 -1.08 -5.27
C ASP A 162 11.97 -1.90 -6.41
N LYS A 163 12.36 -1.56 -7.64
CA LYS A 163 11.79 -2.23 -8.81
C LYS A 163 12.12 -3.72 -8.81
N VAL A 164 13.36 -4.08 -8.45
CA VAL A 164 13.77 -5.48 -8.47
C VAL A 164 12.92 -6.31 -7.53
N CYS A 165 12.66 -5.81 -6.33
CA CYS A 165 11.83 -6.52 -5.37
C CYS A 165 10.35 -6.45 -5.71
N MET A 166 9.90 -5.33 -6.31
CA MET A 166 8.48 -5.17 -6.59
C MET A 166 8.04 -6.00 -7.79
N LYS A 167 8.95 -6.31 -8.70
CA LYS A 167 8.57 -7.14 -9.85
C LYS A 167 8.25 -8.57 -9.43
N SER A 168 8.57 -8.96 -8.20
CA SER A 168 8.26 -10.32 -7.75
C SER A 168 6.79 -10.47 -7.40
N TRP A 169 6.14 -9.39 -6.99
CA TRP A 169 4.76 -9.47 -6.52
C TRP A 169 3.77 -9.83 -7.62
N TYR A 170 4.13 -9.59 -8.89
CA TYR A 170 3.18 -9.85 -9.97
C TYR A 170 3.12 -11.32 -10.35
N GLU A 171 4.06 -12.14 -9.86
CA GLU A 171 4.05 -13.57 -10.13
C GLU A 171 3.47 -14.39 -8.99
N LEU A 172 2.82 -13.74 -8.02
CA LEU A 172 2.28 -14.47 -6.88
C LEU A 172 1.18 -15.43 -7.29
N LYS A 173 0.31 -15.01 -8.22
CA LYS A 173 -0.74 -15.90 -8.69
C LYS A 173 -0.16 -17.13 -9.36
N GLY A 174 0.85 -16.96 -10.20
CA GLY A 174 1.48 -18.10 -10.83
C GLY A 174 2.16 -19.00 -9.82
N ALA A 175 2.81 -18.40 -8.82
CA ALA A 175 3.46 -19.19 -7.78
C ALA A 175 2.45 -20.03 -7.01
N VAL A 176 1.30 -19.45 -6.68
CA VAL A 176 0.29 -20.19 -5.92
C VAL A 176 -0.30 -21.30 -6.78
N LEU A 177 -0.60 -21.01 -8.05
CA LEU A 177 -1.25 -22.00 -8.90
C LEU A 177 -0.30 -23.11 -9.38
N GLU A 178 1.01 -22.85 -9.42
CA GLU A 178 1.95 -23.79 -10.00
C GLU A 178 3.16 -24.11 -9.12
N GLY A 179 3.24 -23.57 -7.91
CA GLY A 179 4.37 -23.86 -7.05
C GLY A 179 5.59 -23.02 -7.39
N GLY A 180 6.66 -23.28 -6.65
CA GLY A 180 7.89 -22.55 -6.84
C GLY A 180 7.99 -21.32 -5.96
N VAL A 181 8.90 -20.43 -6.35
CA VAL A 181 9.15 -19.19 -5.60
C VAL A 181 8.96 -18.02 -6.55
N PRO A 182 8.26 -16.96 -6.13
CA PRO A 182 8.02 -15.83 -7.04
C PRO A 182 9.29 -15.19 -7.58
N PHE A 183 10.35 -15.09 -6.77
CA PHE A 183 11.57 -14.44 -7.23
C PHE A 183 12.26 -15.26 -8.30
N MET A 184 12.32 -16.58 -8.11
CA MET A 184 12.97 -17.45 -9.10
C MET A 184 12.18 -17.48 -10.40
N ARG A 185 10.85 -17.38 -10.33
CA ARG A 185 10.05 -17.36 -11.54
C ARG A 185 10.30 -16.12 -12.38
N VAL A 186 10.87 -15.07 -11.79
CA VAL A 186 11.15 -13.84 -12.52
C VAL A 186 12.61 -13.76 -12.96
N TYR A 187 13.54 -13.96 -12.01
CA TYR A 187 14.95 -13.76 -12.29
C TYR A 187 15.75 -15.04 -12.45
N GLY A 188 15.12 -16.21 -12.33
CA GLY A 188 15.84 -17.46 -12.53
C GLY A 188 16.78 -17.88 -11.42
N VAL A 189 17.74 -17.03 -11.08
CA VAL A 189 18.71 -17.38 -10.05
C VAL A 189 18.10 -17.14 -8.67
N GLU A 190 18.65 -17.83 -7.67
CA GLU A 190 18.20 -17.66 -6.30
C GLU A 190 18.53 -16.26 -5.80
N SER A 191 17.69 -15.74 -4.91
CA SER A 191 17.87 -14.39 -4.39
C SER A 191 19.17 -14.22 -3.61
N PHE A 192 19.79 -15.31 -3.16
CA PHE A 192 21.05 -15.21 -2.44
C PHE A 192 22.22 -14.94 -3.37
N ASP A 193 22.02 -15.07 -4.68
CA ASP A 193 23.09 -14.85 -5.65
C ASP A 193 22.89 -13.61 -6.50
N TYR A 194 21.67 -13.09 -6.56
CA TYR A 194 21.39 -11.90 -7.37
C TYR A 194 22.20 -10.68 -6.96
N PRO A 195 22.39 -10.35 -5.67
CA PRO A 195 23.14 -9.14 -5.33
C PRO A 195 24.57 -9.13 -5.85
N GLY A 196 25.13 -10.29 -6.20
CA GLY A 196 26.45 -10.32 -6.80
C GLY A 196 26.49 -9.97 -8.27
N THR A 197 25.33 -9.73 -8.89
CA THR A 197 25.28 -9.40 -10.31
C THR A 197 24.59 -8.06 -10.58
N ASP A 198 24.26 -7.28 -9.55
CA ASP A 198 23.61 -5.99 -9.73
C ASP A 198 24.17 -5.01 -8.71
N PRO A 199 25.05 -4.11 -9.15
CA PRO A 199 25.71 -3.20 -8.19
C PRO A 199 24.75 -2.31 -7.40
N ARG A 200 23.68 -1.82 -8.03
CA ARG A 200 22.80 -0.88 -7.34
C ARG A 200 22.01 -1.56 -6.23
N PHE A 201 21.42 -2.71 -6.53
CA PHE A 201 20.65 -3.43 -5.51
C PHE A 201 21.56 -3.93 -4.40
N ASN A 202 22.81 -4.29 -4.73
CA ASN A 202 23.75 -4.73 -3.70
C ASN A 202 24.02 -3.61 -2.69
N GLU A 203 24.10 -2.36 -3.16
CA GLU A 203 24.30 -1.24 -2.25
C GLU A 203 23.02 -0.94 -1.47
N VAL A 204 21.87 -0.96 -2.14
CA VAL A 204 20.61 -0.62 -1.46
C VAL A 204 20.31 -1.61 -0.35
N LEU A 205 20.46 -2.90 -0.63
CA LEU A 205 20.19 -3.92 0.38
C LEU A 205 21.12 -3.78 1.57
N ASN A 206 22.41 -3.55 1.31
CA ASN A 206 23.37 -3.40 2.39
C ASN A 206 23.05 -2.19 3.25
N ASN A 207 22.70 -1.05 2.62
CA ASN A 207 22.38 0.14 3.39
C ASN A 207 21.14 -0.07 4.26
N ALA A 208 20.08 -0.67 3.68
CA ALA A 208 18.86 -0.89 4.44
C ALA A 208 19.11 -1.84 5.61
N MET A 209 19.85 -2.92 5.37
CA MET A 209 20.14 -3.86 6.44
C MET A 209 20.99 -3.22 7.53
N VAL A 210 21.97 -2.40 7.17
CA VAL A 210 22.79 -1.73 8.17
C VAL A 210 21.93 -0.81 9.04
N ASN A 211 21.06 -0.01 8.41
CA ASN A 211 20.22 0.90 9.19
C ASN A 211 19.30 0.13 10.13
N TYR A 212 18.62 -0.90 9.62
CA TYR A 212 17.69 -1.65 10.46
C TYR A 212 18.41 -2.38 11.59
N SER A 213 19.58 -2.94 11.33
CA SER A 213 20.33 -3.60 12.39
C SER A 213 20.80 -2.61 13.44
N THR A 214 21.27 -1.44 13.01
CA THR A 214 21.79 -0.45 13.95
C THR A 214 20.70 0.06 14.88
N ILE A 215 19.50 0.32 14.35
CA ILE A 215 18.43 0.82 15.20
C ILE A 215 18.12 -0.17 16.32
N PHE A 216 17.92 -1.44 15.96
CA PHE A 216 17.58 -2.45 16.95
C PHE A 216 18.73 -2.66 17.93
N LEU A 217 19.96 -2.66 17.43
CA LEU A 217 21.11 -2.89 18.30
C LEU A 217 21.24 -1.78 19.33
N LYS A 218 21.08 -0.53 18.91
CA LYS A 218 21.15 0.59 19.84
C LYS A 218 20.02 0.51 20.87
N LYS A 219 18.81 0.15 20.43
CA LYS A 219 17.71 0.08 21.37
C LYS A 219 17.87 -1.08 22.35
N LEU A 220 18.46 -2.19 21.89
CA LEU A 220 18.64 -3.36 22.75
C LEU A 220 19.74 -3.14 23.77
N MET A 221 20.85 -2.52 23.34
CA MET A 221 22.00 -2.38 24.23
C MET A 221 21.69 -1.42 25.39
N GLN A 222 20.68 -0.59 25.24
CA GLN A 222 20.24 0.29 26.31
C GLN A 222 19.20 -0.36 27.22
N SER A 223 18.79 -1.59 26.92
CA SER A 223 17.72 -2.24 27.68
C SER A 223 18.28 -2.88 28.95
N SER A 224 17.42 -3.67 29.60
CA SER A 224 17.77 -4.28 30.88
C SER A 224 18.27 -5.72 30.75
N TYR A 225 18.43 -6.22 29.53
CA TYR A 225 18.89 -7.60 29.34
C TYR A 225 20.35 -7.72 29.75
N ASN A 226 20.64 -8.64 30.67
CA ASN A 226 21.98 -8.81 31.22
C ASN A 226 22.60 -10.16 30.92
N GLY A 227 22.14 -10.84 29.86
CA GLY A 227 22.67 -12.16 29.54
C GLY A 227 24.11 -12.14 29.06
N PHE A 228 24.58 -11.00 28.55
CA PHE A 228 25.93 -10.95 28.01
C PHE A 228 26.99 -10.90 29.11
N GLU A 229 26.58 -10.65 30.36
CA GLU A 229 27.55 -10.44 31.43
C GLU A 229 28.34 -11.69 31.75
N GLN A 230 27.71 -12.86 31.72
CA GLN A 230 28.38 -14.09 32.12
C GLN A 230 29.16 -14.76 30.99
N VAL A 231 29.16 -14.17 29.80
CA VAL A 231 29.82 -14.79 28.64
C VAL A 231 31.30 -14.45 28.67
N GLU A 232 32.14 -15.48 28.59
CA GLU A 232 33.59 -15.27 28.48
C GLU A 232 33.98 -15.04 27.02
N THR A 233 33.68 -16.02 26.16
CA THR A 233 33.91 -15.91 24.73
C THR A 233 32.57 -16.04 24.00
N LEU A 234 32.27 -15.06 23.16
CA LEU A 234 31.01 -15.00 22.44
C LEU A 234 31.28 -15.05 20.94
N VAL A 235 30.57 -15.93 20.23
CA VAL A 235 30.72 -16.08 18.79
C VAL A 235 29.41 -15.67 18.13
N ASP A 236 29.49 -14.73 17.19
CA ASP A 236 28.33 -14.22 16.48
C ASP A 236 28.30 -14.91 15.12
N VAL A 237 27.16 -15.50 14.78
CA VAL A 237 27.00 -16.18 13.49
C VAL A 237 26.43 -15.17 12.50
N GLY A 238 27.11 -15.01 11.37
CA GLY A 238 26.69 -14.05 10.36
C GLY A 238 26.78 -12.61 10.81
N GLY A 239 27.89 -12.22 11.45
CA GLY A 239 28.05 -10.89 11.99
C GLY A 239 28.34 -9.80 10.99
N GLY A 240 28.58 -10.14 9.73
CA GLY A 240 28.84 -9.12 8.73
C GLY A 240 30.12 -8.37 9.02
N LEU A 241 30.02 -7.04 9.08
CA LEU A 241 31.16 -6.19 9.34
C LEU A 241 31.56 -6.15 10.80
N GLY A 242 30.75 -6.70 11.70
CA GLY A 242 31.09 -6.76 13.10
C GLY A 242 30.50 -5.68 13.97
N VAL A 243 29.48 -4.96 13.48
CA VAL A 243 28.86 -3.89 14.28
C VAL A 243 28.27 -4.46 15.56
N ALA A 244 27.62 -5.63 15.47
CA ALA A 244 27.03 -6.25 16.65
C ALA A 244 28.08 -6.50 17.73
N LEU A 245 29.10 -7.31 17.41
CA LEU A 245 30.16 -7.55 18.36
C LEU A 245 30.88 -6.28 18.74
N GLU A 246 30.95 -5.30 17.82
CA GLU A 246 31.53 -4.02 18.16
C GLU A 246 30.83 -3.39 19.36
N LEU A 247 29.49 -3.31 19.31
CA LEU A 247 28.76 -2.75 20.43
C LEU A 247 28.86 -3.64 21.67
N ILE A 248 28.83 -4.96 21.49
CA ILE A 248 28.88 -5.87 22.63
C ILE A 248 30.16 -5.65 23.43
N THR A 249 31.30 -5.61 22.74
CA THR A 249 32.56 -5.36 23.47
C THR A 249 32.70 -3.89 23.83
N SER A 250 31.95 -2.99 23.18
CA SER A 250 31.96 -1.60 23.58
C SER A 250 31.37 -1.43 24.98
N LYS A 251 30.26 -2.12 25.27
CA LYS A 251 29.69 -2.02 26.61
C LYS A 251 30.33 -3.01 27.57
N TYR A 252 30.86 -4.14 27.08
CA TYR A 252 31.48 -5.17 27.90
C TYR A 252 32.86 -5.46 27.34
N PRO A 253 33.89 -4.73 27.79
CA PRO A 253 35.24 -4.92 27.24
C PRO A 253 35.85 -6.29 27.55
N HIS A 254 35.36 -6.99 28.57
CA HIS A 254 35.96 -8.27 28.96
C HIS A 254 35.54 -9.42 28.06
N ILE A 255 34.58 -9.19 27.16
CA ILE A 255 34.10 -10.26 26.29
C ILE A 255 35.03 -10.42 25.10
N LYS A 256 35.39 -11.66 24.79
CA LYS A 256 36.16 -11.98 23.60
C LYS A 256 35.21 -12.31 22.46
N ALA A 257 35.41 -11.65 21.32
CA ALA A 257 34.45 -11.68 20.23
C ALA A 257 35.06 -12.34 18.98
N ILE A 258 34.30 -13.26 18.39
CA ILE A 258 34.66 -13.92 17.15
C ILE A 258 33.55 -13.67 16.14
N ASN A 259 33.90 -13.07 15.00
CA ASN A 259 32.95 -12.78 13.94
C ASN A 259 33.04 -13.89 12.90
N PHE A 260 32.03 -14.74 12.86
CA PHE A 260 31.97 -15.87 11.93
C PHE A 260 31.18 -15.42 10.70
N ASP A 261 31.77 -15.61 9.52
CA ASP A 261 31.05 -15.28 8.29
C ASP A 261 31.58 -16.11 7.14
N LEU A 262 30.95 -15.94 5.98
CA LEU A 262 31.38 -16.65 4.79
C LEU A 262 32.69 -16.06 4.29
N PRO A 263 33.53 -16.86 3.60
CA PRO A 263 34.80 -16.32 3.09
C PRO A 263 34.63 -15.17 2.12
N HIS A 264 33.52 -15.12 1.37
CA HIS A 264 33.33 -14.06 0.39
C HIS A 264 33.03 -12.73 1.07
N VAL A 265 32.49 -12.77 2.29
CA VAL A 265 32.07 -11.55 2.97
C VAL A 265 33.16 -11.01 3.90
N ILE A 266 33.98 -11.91 4.45
CA ILE A 266 34.95 -11.53 5.47
C ILE A 266 36.00 -10.57 4.92
N LYS A 267 36.23 -10.57 3.61
CA LYS A 267 37.29 -9.75 3.03
C LYS A 267 37.06 -8.26 3.26
N HIS A 268 35.81 -7.83 3.40
CA HIS A 268 35.50 -6.43 3.62
C HIS A 268 35.56 -6.01 5.08
N ALA A 269 35.90 -6.92 5.99
CA ALA A 269 35.84 -6.61 7.41
C ALA A 269 36.89 -5.56 7.80
N LYS A 270 36.47 -4.63 8.64
CA LYS A 270 37.38 -3.60 9.14
C LYS A 270 38.18 -4.15 10.31
N PRO A 271 39.52 -4.02 10.29
CA PRO A 271 40.33 -4.50 11.42
C PRO A 271 40.00 -3.74 12.70
N TYR A 272 39.77 -4.49 13.77
CA TYR A 272 39.40 -3.93 15.06
C TYR A 272 39.84 -4.92 16.13
N PRO A 273 40.73 -4.52 17.04
CA PRO A 273 41.22 -5.46 18.04
C PRO A 273 40.10 -5.98 18.92
N GLY A 274 40.20 -7.27 19.28
CA GLY A 274 39.16 -7.95 20.03
C GLY A 274 38.18 -8.72 19.18
N LEU A 275 38.11 -8.45 17.88
CA LEU A 275 37.20 -9.15 16.98
C LEU A 275 38.03 -10.08 16.10
N GLU A 276 38.01 -11.38 16.39
CA GLU A 276 38.68 -12.36 15.55
C GLU A 276 37.77 -12.74 14.39
N HIS A 277 38.15 -12.36 13.17
CA HIS A 277 37.32 -12.65 12.01
C HIS A 277 37.65 -14.04 11.49
N VAL A 278 36.62 -14.90 11.39
CA VAL A 278 36.77 -16.27 10.94
C VAL A 278 35.84 -16.50 9.76
N GLY A 279 36.40 -16.91 8.63
CA GLY A 279 35.60 -17.20 7.46
C GLY A 279 35.35 -18.68 7.32
N GLY A 280 34.14 -19.04 6.95
CA GLY A 280 33.78 -20.44 6.81
C GLY A 280 32.32 -20.58 6.47
N ASP A 281 31.87 -21.84 6.47
CA ASP A 281 30.49 -22.18 6.15
C ASP A 281 29.76 -22.49 7.44
N MET A 282 28.59 -21.86 7.64
CA MET A 282 27.83 -22.08 8.86
C MET A 282 27.36 -23.52 9.00
N PHE A 283 27.10 -24.19 7.88
CA PHE A 283 26.57 -25.54 7.90
C PHE A 283 27.64 -26.62 8.08
N GLU A 284 28.92 -26.24 8.09
CA GLU A 284 30.01 -27.20 8.25
C GLU A 284 30.53 -27.25 9.67
N SER A 285 31.00 -26.12 10.20
CA SER A 285 31.52 -26.08 11.56
C SER A 285 31.40 -24.65 12.09
N VAL A 286 31.36 -24.53 13.41
CA VAL A 286 31.27 -23.24 14.08
C VAL A 286 32.42 -23.14 15.08
N PRO A 287 33.09 -21.98 15.18
CA PRO A 287 34.16 -21.84 16.18
C PRO A 287 33.62 -22.01 17.59
N LYS A 288 34.47 -22.56 18.46
CA LYS A 288 34.07 -22.85 19.82
C LYS A 288 33.91 -21.57 20.63
N GLY A 289 32.95 -21.57 21.53
CA GLY A 289 32.71 -20.42 22.39
C GLY A 289 31.68 -20.78 23.45
N ASP A 290 31.61 -19.93 24.47
CA ASP A 290 30.69 -20.15 25.57
C ASP A 290 29.28 -19.65 25.28
N ALA A 291 29.09 -18.88 24.22
CA ALA A 291 27.76 -18.41 23.85
C ALA A 291 27.74 -18.10 22.36
N ILE A 292 26.61 -18.39 21.73
CA ILE A 292 26.43 -18.19 20.30
C ILE A 292 25.30 -17.20 20.07
N PHE A 293 25.62 -16.10 19.39
CA PHE A 293 24.68 -15.02 19.12
C PHE A 293 24.22 -15.11 17.68
N MET A 294 22.92 -14.90 17.46
CA MET A 294 22.37 -14.91 16.10
C MET A 294 21.14 -14.02 16.03
N LYS A 295 21.07 -13.19 15.00
CA LYS A 295 19.98 -12.24 14.81
C LYS A 295 19.24 -12.59 13.53
N GLY A 296 18.08 -13.23 13.66
CA GLY A 296 17.22 -13.48 12.53
C GLY A 296 17.77 -14.43 11.49
N VAL A 297 18.76 -15.25 11.88
CA VAL A 297 19.31 -16.23 10.96
C VAL A 297 18.30 -17.35 10.69
N LEU A 298 17.56 -17.76 11.73
CA LEU A 298 16.71 -18.94 11.62
C LEU A 298 15.59 -18.76 10.60
N HIS A 299 14.98 -17.56 10.53
CA HIS A 299 13.86 -17.40 9.62
C HIS A 299 14.29 -17.34 8.15
N ASP A 300 15.59 -17.32 7.88
CA ASP A 300 16.10 -17.28 6.51
C ASP A 300 16.29 -18.65 5.90
N TRP A 301 15.96 -19.72 6.62
CA TRP A 301 16.23 -21.08 6.17
C TRP A 301 15.04 -21.98 6.46
N SER A 302 14.98 -23.09 5.74
CA SER A 302 13.93 -24.08 5.94
C SER A 302 14.14 -24.84 7.25
N ASP A 303 13.14 -25.66 7.60
CA ASP A 303 13.18 -26.38 8.86
C ASP A 303 14.33 -27.38 8.94
N ASP A 304 14.66 -28.05 7.83
CA ASP A 304 15.75 -29.02 7.84
C ASP A 304 17.10 -28.34 8.03
N LEU A 305 17.33 -27.24 7.29
CA LEU A 305 18.60 -26.52 7.43
C LEU A 305 18.73 -25.87 8.80
N CYS A 306 17.62 -25.40 9.38
CA CYS A 306 17.68 -24.85 10.73
C CYS A 306 18.08 -25.92 11.74
N LEU A 307 17.50 -27.12 11.62
CA LEU A 307 17.85 -28.21 12.50
C LEU A 307 19.32 -28.59 12.32
N LYS A 308 19.80 -28.63 11.08
CA LYS A 308 21.20 -28.94 10.82
C LYS A 308 22.12 -27.89 11.45
N LEU A 309 21.76 -26.62 11.32
CA LEU A 309 22.56 -25.54 11.89
C LEU A 309 22.59 -25.63 13.41
N LEU A 310 21.44 -25.89 14.03
CA LEU A 310 21.40 -26.02 15.48
C LEU A 310 22.22 -27.21 15.95
N LYS A 311 22.14 -28.33 15.24
CA LYS A 311 22.95 -29.50 15.61
C LYS A 311 24.44 -29.21 15.45
N ASN A 312 24.83 -28.50 14.39
CA ASN A 312 26.24 -28.13 14.23
C ASN A 312 26.70 -27.20 15.36
N CYS A 313 25.85 -26.25 15.74
CA CYS A 313 26.21 -25.34 16.83
C CYS A 313 26.27 -26.07 18.16
N TYR A 314 25.47 -27.14 18.31
CA TYR A 314 25.49 -27.94 19.52
C TYR A 314 26.88 -28.50 19.82
N LYS A 315 27.65 -28.81 18.78
CA LYS A 315 28.99 -29.38 18.98
C LYS A 315 30.01 -28.35 19.44
N ALA A 316 29.87 -27.09 19.03
CA ALA A 316 30.86 -26.07 19.37
C ALA A 316 30.78 -25.69 20.85
N LEU A 317 29.58 -25.65 21.41
CA LEU A 317 29.42 -25.23 22.79
C LEU A 317 30.02 -26.25 23.75
N PRO A 318 30.51 -25.78 24.91
CA PRO A 318 30.95 -26.72 25.95
C PRO A 318 29.77 -27.37 26.66
N ASP A 319 30.05 -28.08 27.75
CA ASP A 319 29.00 -28.82 28.47
C ASP A 319 27.84 -27.92 28.88
N ASN A 320 28.08 -26.63 29.10
CA ASN A 320 27.03 -25.67 29.34
C ASN A 320 27.27 -24.44 28.46
N GLY A 321 26.18 -23.85 27.99
CA GLY A 321 26.29 -22.71 27.10
C GLY A 321 24.93 -22.14 26.78
N LYS A 322 24.95 -21.06 25.99
CA LYS A 322 23.76 -20.32 25.66
C LYS A 322 23.69 -20.03 24.17
N ILE A 323 22.47 -20.07 23.64
CA ILE A 323 22.18 -19.59 22.29
C ILE A 323 21.27 -18.38 22.42
N ILE A 324 21.78 -17.21 22.06
CA ILE A 324 21.03 -15.96 22.14
C ILE A 324 20.52 -15.67 20.75
N ALA A 325 19.25 -15.95 20.51
CA ALA A 325 18.62 -15.75 19.21
C ALA A 325 17.65 -14.59 19.30
N VAL A 326 17.83 -13.60 18.43
CA VAL A 326 16.88 -12.50 18.30
C VAL A 326 15.91 -12.86 17.20
N GLU A 327 14.65 -13.10 17.57
CA GLU A 327 13.67 -13.61 16.62
C GLU A 327 12.38 -12.83 16.75
N ARG A 328 11.36 -13.31 16.04
CA ARG A 328 10.04 -12.69 16.04
C ARG A 328 9.00 -13.81 16.04
N ILE A 329 8.01 -13.68 16.93
CA ILE A 329 7.11 -14.78 17.25
C ILE A 329 5.75 -14.50 16.62
N LEU A 330 5.30 -15.41 15.76
CA LEU A 330 3.98 -15.32 15.18
C LEU A 330 2.93 -15.72 16.22
N PRO A 331 1.93 -14.89 16.48
CA PRO A 331 0.83 -15.33 17.35
C PRO A 331 0.05 -16.46 16.71
N GLU A 332 -0.50 -17.33 17.55
CA GLU A 332 -1.20 -18.51 17.05
C GLU A 332 -2.49 -18.15 16.32
N MET A 333 -3.07 -16.97 16.58
CA MET A 333 -4.29 -16.56 15.94
C MET A 333 -4.13 -15.20 15.30
N PRO A 334 -4.83 -14.91 14.20
CA PRO A 334 -4.67 -13.62 13.52
C PRO A 334 -5.37 -12.47 14.24
N ASN A 335 -4.82 -12.11 15.41
CA ASN A 335 -5.35 -10.98 16.15
C ASN A 335 -4.96 -9.67 15.47
N SER A 336 -5.76 -8.64 15.71
CA SER A 336 -5.54 -7.35 15.08
C SER A 336 -4.35 -6.59 15.67
N ALA A 337 -3.78 -7.07 16.76
CA ALA A 337 -2.70 -6.37 17.44
C ALA A 337 -1.32 -6.69 16.88
N GLY A 338 -1.21 -7.60 15.92
CA GLY A 338 0.06 -8.00 15.39
C GLY A 338 0.23 -7.88 13.89
N LYS A 339 -0.23 -6.80 13.27
CA LYS A 339 -0.16 -6.68 11.82
C LYS A 339 1.28 -6.73 11.32
N GLY A 340 2.18 -6.00 11.97
CA GLY A 340 3.54 -5.85 11.48
C GLY A 340 4.31 -7.15 11.38
N ILE A 341 3.82 -8.22 12.03
CA ILE A 341 4.45 -9.52 11.90
C ILE A 341 3.95 -10.22 10.63
N PHE A 342 2.64 -10.17 10.38
CA PHE A 342 2.09 -10.82 9.20
C PHE A 342 2.53 -10.12 7.91
N LEU A 343 2.59 -8.79 7.92
CA LEU A 343 3.06 -8.09 6.72
C LEU A 343 4.48 -8.51 6.36
N MET A 344 5.39 -8.55 7.34
CA MET A 344 6.76 -8.92 7.03
C MET A 344 6.90 -10.41 6.76
N ASP A 345 6.04 -11.25 7.33
CA ASP A 345 6.03 -12.66 6.97
C ASP A 345 5.66 -12.83 5.50
N LEU A 346 4.64 -12.11 5.04
CA LEU A 346 4.28 -12.19 3.62
C LEU A 346 5.38 -11.60 2.73
N GLN A 347 6.06 -10.57 3.23
CA GLN A 347 7.21 -10.04 2.49
C GLN A 347 8.31 -11.08 2.35
N MET A 348 8.61 -11.82 3.42
CA MET A 348 9.67 -12.82 3.37
C MET A 348 9.24 -14.01 2.51
N MET A 349 7.94 -14.28 2.46
CA MET A 349 7.44 -15.42 1.70
C MET A 349 7.72 -15.29 0.21
N THR A 350 7.51 -14.11 -0.37
CA THR A 350 7.61 -13.92 -1.81
C THR A 350 8.98 -13.39 -2.23
N HIS A 351 10.01 -13.58 -1.42
CA HIS A 351 11.37 -13.24 -1.83
C HIS A 351 12.36 -14.39 -1.73
N HIS A 352 12.34 -15.17 -0.65
CA HIS A 352 13.22 -16.33 -0.46
C HIS A 352 12.44 -17.49 0.13
N LEU A 353 11.34 -17.88 -0.52
CA LEU A 353 10.30 -18.74 0.05
C LEU A 353 10.86 -20.00 0.72
N GLY A 354 12.12 -20.35 0.49
CA GLY A 354 12.74 -21.43 1.23
C GLY A 354 12.74 -21.18 2.73
N GLY A 355 12.55 -19.92 3.13
CA GLY A 355 12.46 -19.57 4.54
C GLY A 355 11.08 -19.05 4.89
N ARG A 356 10.82 -18.99 6.19
CA ARG A 356 9.51 -18.60 6.69
C ARG A 356 9.63 -18.19 8.15
N GLU A 357 8.56 -17.61 8.69
CA GLU A 357 8.49 -17.28 10.10
C GLU A 357 7.83 -18.42 10.88
N ARG A 358 8.14 -18.45 12.17
CA ARG A 358 7.72 -19.56 13.03
C ARG A 358 7.13 -19.02 14.32
N THR A 359 6.34 -19.86 14.98
CA THR A 359 5.76 -19.55 16.27
C THR A 359 6.62 -20.14 17.39
N GLN A 360 6.19 -19.89 18.64
CA GLN A 360 6.95 -20.36 19.79
C GLN A 360 7.06 -21.87 19.81
N GLN A 361 5.97 -22.56 19.50
CA GLN A 361 5.97 -24.02 19.54
C GLN A 361 6.96 -24.60 18.53
N GLU A 362 7.04 -24.01 17.35
CA GLU A 362 7.98 -24.50 16.35
C GLU A 362 9.42 -24.29 16.80
N TYR A 363 9.72 -23.14 17.40
CA TYR A 363 11.06 -22.92 17.94
C TYR A 363 11.40 -23.94 19.03
N PHE A 364 10.44 -24.22 19.92
CA PHE A 364 10.67 -25.20 20.96
C PHE A 364 10.91 -26.58 20.37
N ASP A 365 10.13 -26.95 19.35
CA ASP A 365 10.31 -28.25 18.71
C ASP A 365 11.68 -28.36 18.07
N LEU A 366 12.12 -27.30 17.37
CA LEU A 366 13.46 -27.31 16.78
C LEU A 366 14.52 -27.44 17.86
N ALA A 367 14.36 -26.72 18.97
CA ALA A 367 15.36 -26.74 20.03
C ALA A 367 15.49 -28.13 20.64
N ILE A 368 14.35 -28.78 20.93
CA ILE A 368 14.44 -30.12 21.50
C ILE A 368 14.84 -31.15 20.45
N SER A 369 14.63 -30.85 19.17
CA SER A 369 15.15 -31.73 18.13
C SER A 369 16.67 -31.65 18.05
N ALA A 370 17.24 -30.46 18.31
CA ALA A 370 18.68 -30.30 18.32
C ALA A 370 19.31 -30.89 19.58
N GLY A 371 18.53 -31.23 20.59
CA GLY A 371 19.05 -31.77 21.83
C GLY A 371 19.16 -30.80 22.98
N PHE A 372 18.74 -29.55 22.80
CA PHE A 372 18.79 -28.58 23.88
C PHE A 372 17.70 -28.86 24.91
N SER A 373 17.99 -28.54 26.16
CA SER A 373 17.03 -28.77 27.24
C SER A 373 15.77 -27.92 27.09
N GLY A 374 15.90 -26.66 26.69
CA GLY A 374 14.74 -25.82 26.56
C GLY A 374 15.12 -24.40 26.19
N ILE A 375 14.08 -23.57 26.08
CA ILE A 375 14.22 -22.17 25.69
C ILE A 375 13.48 -21.29 26.69
N ARG A 376 13.88 -20.03 26.74
CA ARG A 376 13.23 -19.01 27.54
C ARG A 376 13.09 -17.73 26.73
N LEU A 377 11.95 -17.05 26.88
CA LEU A 377 11.74 -15.75 26.28
C LEU A 377 12.06 -14.68 27.31
N GLU A 378 13.05 -13.83 27.03
CA GLU A 378 13.55 -12.91 28.04
C GLU A 378 12.87 -11.56 28.01
N CYS A 379 12.94 -10.82 26.90
CA CYS A 379 12.37 -9.48 26.87
C CYS A 379 11.97 -9.14 25.45
N LEU A 380 10.97 -8.28 25.32
CA LEU A 380 10.50 -7.80 24.04
C LEU A 380 11.13 -6.44 23.76
N VAL A 381 12.02 -6.40 22.78
CA VAL A 381 12.75 -5.19 22.43
C VAL A 381 12.43 -4.81 20.99
N CYS A 382 11.74 -3.69 20.81
CA CYS A 382 11.38 -3.16 19.49
C CYS A 382 10.67 -4.20 18.64
N ASN A 383 9.65 -4.83 19.24
CA ASN A 383 8.80 -5.83 18.59
C ASN A 383 9.53 -7.12 18.27
N LEU A 384 10.77 -7.28 18.74
CA LEU A 384 11.53 -8.50 18.57
C LEU A 384 11.75 -9.17 19.92
N TRP A 385 11.71 -10.50 19.93
CA TRP A 385 11.85 -11.28 21.16
C TRP A 385 13.28 -11.83 21.25
N VAL A 386 13.88 -11.69 22.43
CA VAL A 386 15.15 -12.32 22.72
C VAL A 386 14.89 -13.68 23.33
N ILE A 387 15.48 -14.73 22.75
CA ILE A 387 15.26 -16.11 23.17
C ILE A 387 16.59 -16.71 23.57
N GLU A 388 16.64 -17.29 24.77
CA GLU A 388 17.80 -18.01 25.24
C GLU A 388 17.53 -19.50 25.19
N LEU A 389 18.30 -20.21 24.35
CA LEU A 389 18.24 -21.66 24.30
C LEU A 389 19.39 -22.21 25.13
N TYR A 390 19.07 -23.02 26.14
CA TYR A 390 20.07 -23.53 27.06
C TYR A 390 20.28 -25.02 26.82
N LYS A 391 21.52 -25.47 26.98
CA LYS A 391 21.91 -26.85 26.69
C LYS A 391 21.56 -27.77 27.85
N ALA B 24 6.63 8.90 28.48
CA ALA B 24 6.64 8.53 27.07
C ALA B 24 7.00 7.06 26.90
N GLU B 25 6.77 6.28 27.96
CA GLU B 25 7.07 4.85 27.90
C GLU B 25 6.19 4.13 26.88
N GLU B 26 4.90 4.48 26.82
CA GLU B 26 4.01 3.86 25.85
C GLU B 26 4.33 4.29 24.42
N GLU B 27 4.72 5.55 24.24
CA GLU B 27 5.05 6.04 22.91
C GLU B 27 6.25 5.32 22.33
N GLU B 28 7.27 5.06 23.16
CA GLU B 28 8.54 4.51 22.68
C GLU B 28 8.37 3.16 22.00
N LEU B 29 7.30 2.43 22.27
CA LEU B 29 7.03 1.16 21.61
C LEU B 29 5.85 1.19 20.66
N CYS B 30 4.76 1.87 21.03
CA CYS B 30 3.61 1.96 20.13
C CYS B 30 3.98 2.71 18.85
N SER B 31 4.72 3.80 18.97
CA SER B 31 5.15 4.53 17.78
C SER B 31 6.08 3.70 16.92
N TYR B 32 6.99 2.94 17.52
CA TYR B 32 7.88 2.08 16.75
C TYR B 32 7.09 0.99 16.02
N SER B 33 6.10 0.40 16.70
CA SER B 33 5.27 -0.61 16.05
C SER B 33 4.49 -0.02 14.89
N ASN B 34 3.94 1.18 15.06
CA ASN B 34 3.23 1.83 13.96
C ASN B 34 4.18 2.17 12.80
N ALA B 35 5.39 2.61 13.11
CA ALA B 35 6.36 2.89 12.05
C ALA B 35 6.72 1.62 11.28
N ILE B 36 6.91 0.51 11.99
CA ILE B 36 7.22 -0.75 11.33
C ILE B 36 6.05 -1.17 10.45
N GLU B 37 4.82 -1.07 10.96
CA GLU B 37 3.66 -1.41 10.15
C GLU B 37 3.51 -0.50 8.94
N LEU B 38 3.98 0.74 9.03
CA LEU B 38 3.93 1.66 7.90
C LEU B 38 5.03 1.38 6.87
N ALA B 39 6.19 0.87 7.33
CA ALA B 39 7.29 0.63 6.41
C ALA B 39 6.92 -0.42 5.36
N PHE B 40 6.24 -1.49 5.77
CA PHE B 40 5.83 -2.55 4.87
C PHE B 40 4.42 -2.36 4.34
N SER B 41 3.96 -1.13 4.18
CA SER B 41 2.55 -0.88 3.87
C SER B 41 2.17 -1.38 2.49
N VAL B 42 3.14 -1.55 1.59
CA VAL B 42 2.82 -1.95 0.21
C VAL B 42 2.49 -3.43 0.11
N VAL B 43 2.76 -4.22 1.17
CA VAL B 43 2.54 -5.66 1.10
C VAL B 43 1.05 -5.98 1.07
N LEU B 44 0.25 -5.30 1.89
CA LEU B 44 -1.17 -5.62 1.95
C LEU B 44 -1.91 -5.43 0.64
N PRO B 45 -1.78 -4.30 -0.08
CA PRO B 45 -2.47 -4.20 -1.37
C PRO B 45 -1.95 -5.18 -2.42
N MET B 46 -0.72 -5.67 -2.28
CA MET B 46 -0.20 -6.65 -3.25
C MET B 46 -0.80 -8.02 -3.03
N VAL B 47 -0.95 -8.44 -1.78
CA VAL B 47 -1.55 -9.74 -1.49
C VAL B 47 -3.04 -9.73 -1.81
N MET B 48 -3.75 -8.68 -1.39
CA MET B 48 -5.18 -8.61 -1.61
C MET B 48 -5.53 -8.74 -3.09
N LYS B 49 -4.81 -8.01 -3.94
CA LYS B 49 -5.02 -8.14 -5.38
C LYS B 49 -4.91 -9.59 -5.84
N ALA B 50 -3.90 -10.30 -5.34
CA ALA B 50 -3.77 -11.71 -5.68
C ALA B 50 -5.00 -12.50 -5.23
N ALA B 51 -5.47 -12.24 -4.00
CA ALA B 51 -6.66 -12.92 -3.52
C ALA B 51 -7.90 -12.55 -4.33
N VAL B 52 -7.84 -11.45 -5.10
CA VAL B 52 -8.93 -11.16 -6.03
C VAL B 52 -8.72 -11.92 -7.33
N GLU B 53 -7.47 -12.00 -7.80
CA GLU B 53 -7.22 -12.67 -9.07
C GLU B 53 -7.30 -14.18 -8.96
N LEU B 54 -6.96 -14.73 -7.79
CA LEU B 54 -7.07 -16.16 -7.56
C LEU B 54 -8.50 -16.62 -7.35
N GLN B 55 -9.45 -15.70 -7.29
CA GLN B 55 -10.85 -16.03 -7.03
C GLN B 55 -11.00 -16.80 -5.72
N VAL B 56 -10.34 -16.31 -4.67
CA VAL B 56 -10.44 -16.92 -3.35
C VAL B 56 -11.67 -16.41 -2.60
N LEU B 57 -11.96 -15.11 -2.70
CA LEU B 57 -13.17 -14.59 -2.06
C LEU B 57 -14.43 -15.15 -2.69
N ASP B 58 -14.37 -15.56 -3.96
CA ASP B 58 -15.54 -16.14 -4.59
C ASP B 58 -15.81 -17.56 -4.10
N ILE B 59 -14.75 -18.35 -3.91
CA ILE B 59 -14.93 -19.74 -3.47
C ILE B 59 -15.53 -19.79 -2.08
N ILE B 60 -15.09 -18.89 -1.19
CA ILE B 60 -15.62 -18.85 0.17
C ILE B 60 -17.10 -18.49 0.13
N ALA B 61 -17.50 -17.58 -0.75
CA ALA B 61 -18.87 -17.10 -0.85
C ALA B 61 -19.72 -17.99 -1.76
N LYS B 62 -19.12 -19.02 -2.36
CA LYS B 62 -19.85 -19.96 -3.20
C LYS B 62 -20.27 -21.20 -2.42
N ALA B 63 -20.48 -21.03 -1.10
CA ALA B 63 -20.90 -22.16 -0.27
C ALA B 63 -22.01 -21.77 0.71
N GLY B 64 -22.78 -20.72 0.43
CA GLY B 64 -23.86 -20.32 1.29
C GLY B 64 -23.44 -19.28 2.31
N PRO B 65 -24.41 -18.58 2.89
CA PRO B 65 -24.08 -17.57 3.91
C PRO B 65 -23.55 -18.23 5.17
N ARG B 66 -22.83 -17.44 5.97
CA ARG B 66 -22.19 -17.90 7.20
C ARG B 66 -21.25 -19.08 6.90
N ALA B 67 -20.43 -18.89 5.89
CA ALA B 67 -19.56 -19.95 5.39
C ALA B 67 -18.19 -19.89 6.04
N GLN B 68 -17.67 -21.05 6.41
CA GLN B 68 -16.32 -21.19 6.95
C GLN B 68 -15.62 -22.32 6.21
N LEU B 69 -14.61 -21.99 5.41
CA LEU B 69 -13.89 -22.98 4.63
C LEU B 69 -12.42 -22.99 5.03
N SER B 70 -11.91 -24.19 5.30
CA SER B 70 -10.50 -24.36 5.62
C SER B 70 -9.65 -24.14 4.38
N PRO B 71 -8.36 -23.83 4.56
CA PRO B 71 -7.49 -23.62 3.39
C PRO B 71 -7.40 -24.82 2.46
N SER B 72 -7.57 -26.04 2.97
CA SER B 72 -7.51 -27.22 2.11
C SER B 72 -8.63 -27.21 1.07
N GLN B 73 -9.84 -26.88 1.49
CA GLN B 73 -10.96 -26.85 0.55
C GLN B 73 -10.78 -25.76 -0.50
N ILE B 74 -10.29 -24.59 -0.08
CA ILE B 74 -10.06 -23.51 -1.03
C ILE B 74 -8.98 -23.91 -2.03
N ALA B 75 -7.89 -24.52 -1.55
CA ALA B 75 -6.85 -24.97 -2.45
C ALA B 75 -7.26 -26.15 -3.32
N SER B 76 -8.31 -26.88 -2.93
CA SER B 76 -8.81 -27.98 -3.74
C SER B 76 -9.85 -27.55 -4.76
N GLN B 77 -10.57 -26.45 -4.53
CA GLN B 77 -11.54 -25.94 -5.48
C GLN B 77 -10.98 -24.86 -6.39
N LEU B 78 -9.69 -24.55 -6.28
CA LEU B 78 -9.05 -23.55 -7.13
C LEU B 78 -9.06 -24.00 -8.57
N PRO B 79 -9.13 -23.09 -9.54
CA PRO B 79 -9.02 -23.48 -10.95
C PRO B 79 -7.62 -23.95 -11.29
N ALA B 80 -7.21 -25.08 -10.71
CA ALA B 80 -5.85 -25.58 -10.85
C ALA B 80 -5.61 -26.17 -12.23
N ALA B 81 -5.00 -25.39 -13.12
CA ALA B 81 -4.65 -25.91 -14.43
C ALA B 81 -3.66 -27.08 -14.31
N ALA B 82 -2.67 -26.94 -13.43
CA ALA B 82 -1.77 -28.03 -13.12
C ALA B 82 -2.39 -28.94 -12.07
N LEU B 83 -2.45 -30.23 -12.38
CA LEU B 83 -3.07 -31.20 -11.46
C LEU B 83 -2.31 -31.25 -10.14
N ARG B 84 -0.98 -31.30 -10.21
CA ARG B 84 -0.15 -31.37 -9.01
C ARG B 84 0.42 -30.00 -8.67
N CYS B 85 -0.43 -29.19 -8.04
CA CYS B 85 0.06 -28.02 -7.32
C CYS B 85 0.96 -28.49 -6.18
N SER B 86 2.03 -27.74 -5.94
CA SER B 86 3.01 -28.16 -4.95
C SER B 86 2.33 -28.30 -3.58
N PRO B 87 2.75 -29.30 -2.79
CA PRO B 87 2.03 -29.62 -1.55
C PRO B 87 1.97 -28.48 -0.54
N ASP B 88 2.85 -27.49 -0.69
CA ASP B 88 2.84 -26.34 0.21
C ASP B 88 1.94 -25.21 -0.28
N ALA B 89 1.23 -25.40 -1.38
CA ALA B 89 0.24 -24.41 -1.80
C ALA B 89 -0.85 -24.16 -0.75
N PRO B 90 -1.42 -25.18 -0.09
CA PRO B 90 -2.33 -24.88 1.03
C PRO B 90 -1.68 -24.11 2.15
N LYS B 91 -0.36 -24.23 2.33
CA LYS B 91 0.32 -23.41 3.32
C LYS B 91 0.44 -21.97 2.85
N MET B 92 0.72 -21.75 1.57
CA MET B 92 0.77 -20.39 1.04
C MET B 92 -0.58 -19.71 1.15
N LEU B 93 -1.66 -20.43 0.81
CA LEU B 93 -2.99 -19.85 0.93
C LEU B 93 -3.32 -19.52 2.38
N ASP B 94 -2.93 -20.40 3.31
CA ASP B 94 -3.16 -20.13 4.72
C ASP B 94 -2.40 -18.90 5.19
N ARG B 95 -1.15 -18.75 4.75
CA ARG B 95 -0.36 -17.60 5.16
C ARG B 95 -0.93 -16.31 4.58
N MET B 96 -1.48 -16.35 3.37
CA MET B 96 -2.09 -15.16 2.80
C MET B 96 -3.39 -14.82 3.53
N LEU B 97 -4.23 -15.83 3.77
CA LEU B 97 -5.52 -15.58 4.42
C LEU B 97 -5.34 -15.13 5.86
N CYS B 98 -4.27 -15.54 6.53
CA CYS B 98 -4.02 -15.04 7.88
C CYS B 98 -3.77 -13.53 7.85
N LEU B 99 -2.95 -13.06 6.91
CA LEU B 99 -2.71 -11.63 6.78
C LEU B 99 -3.99 -10.89 6.44
N LEU B 100 -4.78 -11.44 5.52
CA LEU B 100 -6.05 -10.79 5.17
C LEU B 100 -7.01 -10.74 6.36
N ALA B 101 -7.04 -11.78 7.20
CA ALA B 101 -7.93 -11.78 8.35
C ALA B 101 -7.43 -10.87 9.46
N SER B 102 -6.13 -10.61 9.53
CA SER B 102 -5.59 -9.72 10.54
C SER B 102 -6.06 -8.28 10.36
N HIS B 103 -6.51 -7.90 9.17
CA HIS B 103 -6.97 -6.55 8.88
C HIS B 103 -8.49 -6.44 8.76
N SER B 104 -9.23 -7.35 9.40
CA SER B 104 -10.69 -7.32 9.46
C SER B 104 -11.36 -7.53 8.11
N ILE B 105 -10.57 -7.85 7.08
CA ILE B 105 -11.16 -8.17 5.78
C ILE B 105 -11.84 -9.53 5.82
N LEU B 106 -11.30 -10.47 6.60
CA LEU B 106 -11.87 -11.79 6.77
C LEU B 106 -12.02 -12.09 8.26
N THR B 107 -12.96 -12.98 8.59
CA THR B 107 -13.10 -13.46 9.95
C THR B 107 -12.51 -14.87 10.07
N CYS B 108 -11.76 -15.09 11.14
CA CYS B 108 -11.05 -16.34 11.34
C CYS B 108 -11.48 -16.96 12.66
N SER B 109 -11.62 -18.29 12.65
CA SER B 109 -12.02 -19.03 13.84
C SER B 109 -11.23 -20.32 13.92
N ALA B 110 -11.12 -20.85 15.14
CA ALA B 110 -10.38 -22.08 15.38
C ALA B 110 -11.28 -23.29 15.23
N VAL B 111 -10.65 -24.46 15.16
CA VAL B 111 -11.34 -25.74 15.02
C VAL B 111 -11.07 -26.58 16.26
N ASP B 112 -12.14 -27.08 16.88
CA ASP B 112 -12.01 -27.91 18.07
C ASP B 112 -11.83 -29.37 17.70
N PHE B 113 -10.74 -29.69 17.00
CA PHE B 113 -10.47 -31.06 16.59
C PHE B 113 -9.79 -31.84 17.71
N ALA B 127 -3.33 -34.13 12.99
CA ALA B 127 -4.03 -33.19 12.12
C ALA B 127 -3.06 -32.16 11.54
N ALA B 128 -3.24 -31.83 10.27
CA ALA B 128 -2.39 -30.86 9.62
C ALA B 128 -2.73 -29.45 10.07
N LEU B 129 -1.84 -28.51 9.74
CA LEU B 129 -2.06 -27.12 10.10
C LEU B 129 -3.29 -26.55 9.42
N GLU B 130 -3.60 -27.05 8.22
CA GLU B 130 -4.77 -26.58 7.48
C GLU B 130 -6.09 -26.95 8.15
N ASP B 131 -6.08 -27.86 9.11
CA ASP B 131 -7.29 -28.22 9.83
C ASP B 131 -7.55 -27.33 11.04
N LYS B 132 -6.72 -26.32 11.26
CA LYS B 132 -6.79 -25.56 12.51
C LYS B 132 -7.67 -24.32 12.39
N ARG B 133 -7.67 -23.67 11.22
CA ARG B 133 -8.35 -22.39 11.06
C ARG B 133 -9.43 -22.47 9.99
N LEU B 134 -10.50 -21.71 10.19
CA LEU B 134 -11.58 -21.55 9.22
C LEU B 134 -11.79 -20.06 8.97
N TYR B 135 -12.09 -19.71 7.72
CA TYR B 135 -12.19 -18.32 7.29
C TYR B 135 -13.56 -18.04 6.69
N GLY B 136 -14.02 -16.80 6.85
CA GLY B 136 -15.31 -16.39 6.35
C GLY B 136 -15.30 -14.95 5.94
N LEU B 137 -16.26 -14.57 5.10
CA LEU B 137 -16.27 -13.24 4.50
C LEU B 137 -16.87 -12.20 5.44
N THR B 138 -16.22 -11.05 5.53
CA THR B 138 -16.71 -9.86 6.20
C THR B 138 -17.56 -9.05 5.22
N PRO B 139 -18.51 -8.24 5.70
CA PRO B 139 -19.24 -7.34 4.80
C PRO B 139 -18.33 -6.41 4.01
N LEU B 140 -17.14 -6.12 4.54
CA LEU B 140 -16.16 -5.35 3.78
C LEU B 140 -15.72 -6.11 2.53
N ALA B 141 -15.51 -7.42 2.65
CA ALA B 141 -15.02 -8.21 1.53
C ALA B 141 -16.10 -8.49 0.50
N LYS B 142 -17.37 -8.37 0.86
CA LYS B 142 -18.44 -8.67 -0.09
C LYS B 142 -18.57 -7.63 -1.19
N TYR B 143 -17.88 -6.50 -1.09
CA TYR B 143 -17.87 -5.53 -2.19
C TYR B 143 -16.98 -5.95 -3.34
N PHE B 144 -16.06 -6.90 -3.12
CA PHE B 144 -15.18 -7.40 -4.17
C PHE B 144 -15.72 -8.64 -4.85
N VAL B 145 -16.55 -9.41 -4.17
CA VAL B 145 -17.28 -10.50 -4.82
C VAL B 145 -18.38 -9.91 -5.70
N PRO B 146 -18.57 -10.39 -6.94
CA PRO B 146 -19.60 -9.81 -7.81
C PRO B 146 -20.98 -9.89 -7.17
N ASN B 147 -21.74 -8.80 -7.31
CA ASN B 147 -23.06 -8.69 -6.71
C ASN B 147 -24.13 -9.24 -7.64
N GLN B 148 -25.40 -8.95 -7.33
CA GLN B 148 -26.51 -9.49 -8.12
C GLN B 148 -26.41 -9.03 -9.57
N ASP B 149 -26.12 -7.75 -9.79
CA ASP B 149 -25.95 -7.25 -11.15
C ASP B 149 -24.67 -7.79 -11.79
N GLY B 150 -23.72 -8.24 -10.99
CA GLY B 150 -22.45 -8.71 -11.50
C GLY B 150 -21.35 -7.67 -11.52
N VAL B 151 -21.37 -6.71 -10.59
CA VAL B 151 -20.40 -5.62 -10.57
C VAL B 151 -19.76 -5.56 -9.19
N SER B 152 -18.47 -5.25 -9.17
CA SER B 152 -17.72 -5.17 -7.93
C SER B 152 -16.53 -4.23 -8.12
N LEU B 153 -15.95 -3.81 -7.00
CA LEU B 153 -14.78 -2.93 -7.03
C LEU B 153 -13.50 -3.67 -7.38
N GLY B 154 -13.55 -4.99 -7.52
CA GLY B 154 -12.39 -5.79 -7.84
C GLY B 154 -11.59 -5.27 -9.02
N PRO B 155 -12.23 -5.16 -10.19
CA PRO B 155 -11.55 -4.60 -11.36
C PRO B 155 -11.09 -3.16 -11.20
N LEU B 156 -11.64 -2.39 -10.26
CA LEU B 156 -11.10 -1.07 -9.99
C LEU B 156 -9.74 -1.15 -9.33
N MET B 157 -9.45 -2.24 -8.62
CA MET B 157 -8.13 -2.42 -8.04
C MET B 157 -7.09 -2.71 -9.12
N CYS B 158 -7.39 -3.63 -10.04
CA CYS B 158 -6.43 -4.01 -11.06
C CYS B 158 -6.04 -2.83 -11.94
N LEU B 159 -6.95 -1.89 -12.18
CA LEU B 159 -6.60 -0.70 -12.94
C LEU B 159 -5.59 0.15 -12.17
N VAL B 160 -5.76 0.26 -10.85
CA VAL B 160 -4.85 1.10 -10.05
C VAL B 160 -3.45 0.50 -9.97
N GLN B 161 -3.33 -0.82 -9.87
CA GLN B 161 -2.04 -1.46 -9.67
C GLN B 161 -1.47 -2.08 -10.94
N ASP B 162 -2.04 -1.76 -12.11
CA ASP B 162 -1.48 -2.26 -13.36
C ASP B 162 -0.12 -1.62 -13.61
N LYS B 163 0.69 -2.28 -14.43
CA LYS B 163 2.07 -1.82 -14.65
C LYS B 163 2.11 -0.43 -15.27
N VAL B 164 1.21 -0.16 -16.23
CA VAL B 164 1.24 1.12 -16.92
C VAL B 164 0.98 2.27 -15.95
N CYS B 165 0.00 2.10 -15.05
CA CYS B 165 -0.28 3.14 -14.06
C CYS B 165 0.78 3.16 -12.97
N MET B 166 1.35 2.00 -12.64
CA MET B 166 2.27 1.93 -11.50
C MET B 166 3.63 2.52 -11.85
N LYS B 167 4.03 2.45 -13.12
CA LYS B 167 5.32 3.02 -13.51
C LYS B 167 5.34 4.54 -13.44
N SER B 168 4.18 5.18 -13.27
CA SER B 168 4.15 6.64 -13.17
C SER B 168 4.57 7.12 -11.78
N TRP B 169 4.48 6.25 -10.77
CA TRP B 169 4.76 6.70 -9.40
C TRP B 169 6.24 6.94 -9.17
N TYR B 170 7.11 6.25 -9.89
CA TYR B 170 8.55 6.39 -9.65
C TYR B 170 9.11 7.70 -10.17
N GLU B 171 8.35 8.44 -10.98
CA GLU B 171 8.80 9.73 -11.49
C GLU B 171 8.24 10.91 -10.69
N LEU B 172 7.60 10.66 -9.55
CA LEU B 172 7.02 11.74 -8.76
C LEU B 172 8.11 12.66 -8.22
N LYS B 173 9.24 12.09 -7.78
CA LYS B 173 10.33 12.90 -7.27
C LYS B 173 10.86 13.85 -8.35
N GLY B 174 11.02 13.34 -9.58
CA GLY B 174 11.45 14.21 -10.65
C GLY B 174 10.41 15.25 -11.01
N ALA B 175 9.13 14.86 -10.99
CA ALA B 175 8.07 15.79 -11.34
C ALA B 175 7.98 16.95 -10.37
N VAL B 176 8.13 16.66 -9.07
CA VAL B 176 8.04 17.74 -8.07
C VAL B 176 9.17 18.74 -8.25
N LEU B 177 10.39 18.25 -8.47
CA LEU B 177 11.54 19.14 -8.57
C LEU B 177 11.60 19.88 -9.90
N GLU B 178 11.17 19.26 -10.99
CA GLU B 178 11.35 19.83 -12.33
C GLU B 178 10.07 20.13 -13.07
N GLY B 179 8.90 19.91 -12.46
CA GLY B 179 7.65 20.23 -13.11
C GLY B 179 7.22 19.18 -14.12
N GLY B 180 6.09 19.45 -14.76
CA GLY B 180 5.53 18.52 -15.72
C GLY B 180 4.51 17.59 -15.11
N VAL B 181 4.26 16.49 -15.81
CA VAL B 181 3.29 15.48 -15.38
C VAL B 181 4.00 14.14 -15.27
N PRO B 182 3.78 13.38 -14.20
CA PRO B 182 4.48 12.09 -14.06
C PRO B 182 4.23 11.13 -15.20
N PHE B 183 3.01 11.10 -15.75
CA PHE B 183 2.71 10.17 -16.84
C PHE B 183 3.42 10.56 -18.12
N MET B 184 3.43 11.86 -18.45
CA MET B 184 4.10 12.31 -19.66
C MET B 184 5.60 12.13 -19.57
N ARG B 185 6.18 12.27 -18.38
CA ARG B 185 7.62 12.08 -18.22
C ARG B 185 8.02 10.63 -18.47
N VAL B 186 7.08 9.70 -18.46
CA VAL B 186 7.39 8.30 -18.70
C VAL B 186 7.02 7.89 -20.12
N TYR B 187 5.79 8.16 -20.54
CA TYR B 187 5.29 7.67 -21.82
C TYR B 187 5.24 8.71 -22.91
N GLY B 188 5.63 9.95 -22.64
CA GLY B 188 5.67 10.97 -23.67
C GLY B 188 4.31 11.52 -24.06
N VAL B 189 3.42 10.63 -24.53
CA VAL B 189 2.10 11.09 -24.97
C VAL B 189 1.19 11.30 -23.77
N GLU B 190 0.18 12.14 -23.97
CA GLU B 190 -0.80 12.40 -22.92
C GLU B 190 -1.63 11.14 -22.65
N SER B 191 -2.09 11.01 -21.41
CA SER B 191 -2.86 9.84 -20.98
C SER B 191 -4.16 9.68 -21.75
N PHE B 192 -4.67 10.74 -22.37
CA PHE B 192 -5.90 10.63 -23.14
C PHE B 192 -5.68 9.94 -24.49
N ASP B 193 -4.43 9.81 -24.92
CA ASP B 193 -4.14 9.18 -26.22
C ASP B 193 -3.50 7.81 -26.07
N TYR B 194 -2.96 7.49 -24.90
CA TYR B 194 -2.33 6.19 -24.69
C TYR B 194 -3.26 5.00 -24.92
N PRO B 195 -4.53 4.98 -24.46
CA PRO B 195 -5.36 3.80 -24.69
C PRO B 195 -5.57 3.47 -26.15
N GLY B 196 -5.38 4.43 -27.07
CA GLY B 196 -5.45 4.13 -28.48
C GLY B 196 -4.23 3.44 -29.06
N THR B 197 -3.17 3.30 -28.26
CA THR B 197 -1.96 2.63 -28.70
C THR B 197 -1.61 1.40 -27.89
N ASP B 198 -2.45 0.99 -26.94
CA ASP B 198 -2.18 -0.19 -26.13
C ASP B 198 -3.44 -1.05 -26.03
N PRO B 199 -3.43 -2.25 -26.62
CA PRO B 199 -4.65 -3.09 -26.56
C PRO B 199 -5.01 -3.55 -25.17
N ARG B 200 -4.03 -4.06 -24.40
CA ARG B 200 -4.34 -4.65 -23.10
C ARG B 200 -4.89 -3.61 -22.13
N PHE B 201 -4.26 -2.44 -22.04
CA PHE B 201 -4.71 -1.41 -21.11
C PHE B 201 -6.08 -0.88 -21.47
N ASN B 202 -6.42 -0.85 -22.77
CA ASN B 202 -7.72 -0.35 -23.20
C ASN B 202 -8.87 -1.22 -22.73
N GLU B 203 -8.60 -2.46 -22.33
CA GLU B 203 -9.62 -3.34 -21.77
C GLU B 203 -9.80 -3.13 -20.27
N VAL B 204 -8.70 -3.04 -19.53
CA VAL B 204 -8.77 -2.80 -18.09
C VAL B 204 -9.39 -1.43 -17.80
N LEU B 205 -8.95 -0.41 -18.52
CA LEU B 205 -9.46 0.94 -18.33
C LEU B 205 -10.95 1.05 -18.66
N ASN B 206 -11.46 0.19 -19.53
CA ASN B 206 -12.88 0.18 -19.87
C ASN B 206 -13.71 -0.68 -18.93
N ASN B 207 -13.14 -1.77 -18.40
CA ASN B 207 -13.87 -2.61 -17.47
C ASN B 207 -14.00 -1.94 -16.11
N ALA B 208 -12.90 -1.36 -15.59
CA ALA B 208 -12.93 -0.77 -14.27
C ALA B 208 -13.89 0.41 -14.22
N MET B 209 -13.86 1.28 -15.23
CA MET B 209 -14.75 2.42 -15.26
C MET B 209 -16.21 2.00 -15.33
N VAL B 210 -16.53 0.99 -16.15
CA VAL B 210 -17.91 0.52 -16.23
C VAL B 210 -18.38 -0.03 -14.90
N ASN B 211 -17.56 -0.86 -14.24
CA ASN B 211 -17.98 -1.43 -12.95
C ASN B 211 -18.17 -0.35 -11.90
N TYR B 212 -17.23 0.60 -11.82
CA TYR B 212 -17.35 1.67 -10.82
C TYR B 212 -18.54 2.56 -11.11
N SER B 213 -18.85 2.81 -12.39
CA SER B 213 -20.02 3.61 -12.73
C SER B 213 -21.30 2.90 -12.34
N THR B 214 -21.39 1.61 -12.65
CA THR B 214 -22.61 0.85 -12.35
C THR B 214 -22.85 0.74 -10.85
N ILE B 215 -21.79 0.52 -10.07
CA ILE B 215 -21.97 0.36 -8.62
C ILE B 215 -22.61 1.60 -8.01
N PHE B 216 -22.12 2.79 -8.40
CA PHE B 216 -22.68 4.02 -7.87
C PHE B 216 -24.06 4.31 -8.46
N LEU B 217 -24.23 4.03 -9.75
CA LEU B 217 -25.46 4.37 -10.43
C LEU B 217 -26.65 3.57 -9.91
N LYS B 218 -26.43 2.29 -9.57
CA LYS B 218 -27.53 1.49 -9.06
C LYS B 218 -28.07 2.06 -7.75
N LYS B 219 -27.19 2.50 -6.86
CA LYS B 219 -27.65 3.10 -5.60
C LYS B 219 -28.19 4.50 -5.81
N LEU B 220 -27.67 5.24 -6.80
CA LEU B 220 -28.23 6.55 -7.10
C LEU B 220 -29.66 6.43 -7.59
N MET B 221 -29.93 5.44 -8.45
CA MET B 221 -31.29 5.27 -8.96
C MET B 221 -32.23 4.81 -7.86
N GLN B 222 -31.74 4.02 -6.91
CA GLN B 222 -32.53 3.56 -5.78
C GLN B 222 -32.64 4.60 -4.67
N SER B 223 -31.94 5.73 -4.80
CA SER B 223 -31.92 6.74 -3.75
C SER B 223 -33.21 7.56 -3.77
N SER B 224 -33.27 8.56 -2.89
CA SER B 224 -34.45 9.41 -2.75
C SER B 224 -34.39 10.68 -3.58
N TYR B 225 -33.36 10.85 -4.41
CA TYR B 225 -33.22 12.06 -5.22
C TYR B 225 -34.34 12.11 -6.25
N ASN B 226 -35.16 13.17 -6.19
CA ASN B 226 -36.31 13.32 -7.07
C ASN B 226 -36.11 14.38 -8.14
N GLY B 227 -34.87 14.78 -8.42
CA GLY B 227 -34.62 15.82 -9.40
C GLY B 227 -34.99 15.44 -10.82
N PHE B 228 -34.98 14.15 -11.14
CA PHE B 228 -35.28 13.72 -12.50
C PHE B 228 -36.77 13.76 -12.82
N GLU B 229 -37.63 13.88 -11.82
CA GLU B 229 -39.07 13.81 -12.04
C GLU B 229 -39.61 14.99 -12.84
N GLN B 230 -38.99 16.17 -12.73
CA GLN B 230 -39.45 17.35 -13.45
C GLN B 230 -38.72 17.58 -14.76
N VAL B 231 -37.83 16.66 -15.15
CA VAL B 231 -37.03 16.88 -16.35
C VAL B 231 -37.77 16.35 -17.58
N GLU B 232 -37.86 17.19 -18.61
CA GLU B 232 -38.49 16.80 -19.86
C GLU B 232 -37.47 16.22 -20.83
N THR B 233 -36.44 17.01 -21.18
CA THR B 233 -35.37 16.57 -22.06
C THR B 233 -34.05 16.63 -21.30
N LEU B 234 -33.31 15.53 -21.32
CA LEU B 234 -32.07 15.39 -20.56
C LEU B 234 -30.95 15.03 -21.53
N VAL B 235 -29.83 15.75 -21.45
CA VAL B 235 -28.66 15.49 -22.27
C VAL B 235 -27.52 15.07 -21.35
N ASP B 236 -26.91 13.92 -21.65
CA ASP B 236 -25.82 13.38 -20.85
C ASP B 236 -24.51 13.70 -21.56
N VAL B 237 -23.59 14.35 -20.85
CA VAL B 237 -22.30 14.71 -21.41
C VAL B 237 -21.30 13.60 -21.07
N GLY B 238 -20.66 13.06 -22.10
CA GLY B 238 -19.72 11.97 -21.90
C GLY B 238 -20.34 10.69 -21.40
N GLY B 239 -21.52 10.32 -21.91
CA GLY B 239 -22.23 9.16 -21.44
C GLY B 239 -21.72 7.82 -21.94
N GLY B 240 -20.77 7.81 -22.86
CA GLY B 240 -20.24 6.54 -23.35
C GLY B 240 -21.29 5.75 -24.08
N LEU B 241 -21.50 4.50 -23.64
CA LEU B 241 -22.45 3.60 -24.28
C LEU B 241 -23.90 3.93 -23.95
N GLY B 242 -24.16 4.83 -23.01
CA GLY B 242 -25.52 5.20 -22.68
C GLY B 242 -26.13 4.47 -21.50
N VAL B 243 -25.32 3.84 -20.65
CA VAL B 243 -25.85 3.10 -19.50
C VAL B 243 -26.60 4.04 -18.56
N ALA B 244 -26.04 5.23 -18.31
CA ALA B 244 -26.66 6.17 -17.40
C ALA B 244 -28.05 6.58 -17.90
N LEU B 245 -28.14 7.03 -19.15
CA LEU B 245 -29.44 7.36 -19.71
C LEU B 245 -30.32 6.13 -19.83
N GLU B 246 -29.72 4.95 -20.01
CA GLU B 246 -30.50 3.72 -20.03
C GLU B 246 -31.27 3.55 -18.73
N LEU B 247 -30.58 3.69 -17.59
CA LEU B 247 -31.26 3.60 -16.31
C LEU B 247 -32.25 4.75 -16.11
N ILE B 248 -31.87 5.95 -16.55
CA ILE B 248 -32.74 7.12 -16.38
C ILE B 248 -34.09 6.86 -17.03
N THR B 249 -34.09 6.43 -18.29
CA THR B 249 -35.36 6.12 -18.96
C THR B 249 -35.95 4.80 -18.47
N SER B 250 -35.14 3.94 -17.85
CA SER B 250 -35.67 2.71 -17.27
C SER B 250 -36.63 3.03 -16.12
N LYS B 251 -36.27 3.98 -15.27
CA LYS B 251 -37.19 4.33 -14.20
C LYS B 251 -38.15 5.45 -14.61
N TYR B 252 -37.73 6.30 -15.55
CA TYR B 252 -38.55 7.42 -16.02
C TYR B 252 -38.67 7.34 -17.54
N PRO B 253 -39.64 6.57 -18.05
CA PRO B 253 -39.75 6.39 -19.51
C PRO B 253 -40.18 7.65 -20.26
N HIS B 254 -40.74 8.65 -19.58
CA HIS B 254 -41.20 9.84 -20.28
C HIS B 254 -40.07 10.79 -20.64
N ILE B 255 -38.85 10.52 -20.18
CA ILE B 255 -37.74 11.42 -20.45
C ILE B 255 -37.09 11.05 -21.77
N LYS B 256 -37.02 12.01 -22.68
CA LYS B 256 -36.38 11.82 -23.97
C LYS B 256 -34.88 12.10 -23.80
N ALA B 257 -34.04 11.16 -24.21
CA ALA B 257 -32.64 11.17 -23.83
C ALA B 257 -31.72 11.16 -25.04
N ILE B 258 -30.71 12.04 -25.02
CA ILE B 258 -29.65 12.06 -26.02
C ILE B 258 -28.32 11.95 -25.31
N ASN B 259 -27.49 11.01 -25.78
CA ASN B 259 -26.16 10.77 -25.26
C ASN B 259 -25.15 11.52 -26.12
N PHE B 260 -24.49 12.52 -25.53
CA PHE B 260 -23.52 13.35 -26.22
C PHE B 260 -22.14 12.78 -25.99
N ASP B 261 -21.40 12.52 -27.07
CA ASP B 261 -20.05 12.00 -26.93
C ASP B 261 -19.23 12.37 -28.16
N LEU B 262 -17.96 12.02 -28.11
CA LEU B 262 -17.06 12.29 -29.23
C LEU B 262 -17.38 11.37 -30.40
N PRO B 263 -17.10 11.78 -31.64
CA PRO B 263 -17.35 10.90 -32.79
C PRO B 263 -16.55 9.60 -32.72
N HIS B 264 -15.38 9.64 -32.08
CA HIS B 264 -14.54 8.46 -31.96
C HIS B 264 -15.23 7.37 -31.13
N VAL B 265 -16.10 7.77 -30.21
CA VAL B 265 -16.76 6.81 -29.33
C VAL B 265 -18.08 6.31 -29.90
N ILE B 266 -18.81 7.17 -30.62
CA ILE B 266 -20.18 6.86 -31.02
C ILE B 266 -20.28 5.65 -31.93
N LYS B 267 -19.17 5.25 -32.56
CA LYS B 267 -19.23 4.09 -33.44
C LYS B 267 -19.45 2.79 -32.68
N HIS B 268 -19.28 2.80 -31.36
CA HIS B 268 -19.55 1.64 -30.53
C HIS B 268 -20.93 1.69 -29.88
N ALA B 269 -21.76 2.68 -30.22
CA ALA B 269 -23.02 2.87 -29.53
C ALA B 269 -24.00 1.75 -29.81
N LYS B 270 -24.62 1.24 -28.76
CA LYS B 270 -25.64 0.20 -28.91
C LYS B 270 -27.00 0.85 -29.16
N PRO B 271 -27.67 0.53 -30.27
CA PRO B 271 -29.00 1.10 -30.50
C PRO B 271 -29.98 0.70 -29.41
N TYR B 272 -30.85 1.63 -29.03
CA TYR B 272 -31.82 1.41 -27.97
C TYR B 272 -32.93 2.42 -28.16
N PRO B 273 -34.20 1.98 -28.13
CA PRO B 273 -35.32 2.89 -28.42
C PRO B 273 -35.37 4.06 -27.43
N GLY B 274 -35.77 5.21 -27.94
CA GLY B 274 -35.83 6.42 -27.14
C GLY B 274 -34.50 7.15 -27.08
N LEU B 275 -33.43 6.41 -26.85
CA LEU B 275 -32.09 6.99 -26.83
C LEU B 275 -31.71 7.51 -28.20
N GLU B 276 -31.03 8.65 -28.21
CA GLU B 276 -30.45 9.15 -29.45
C GLU B 276 -29.02 9.60 -29.19
N HIS B 277 -28.09 9.09 -30.00
CA HIS B 277 -26.67 9.35 -29.81
C HIS B 277 -26.23 10.50 -30.70
N VAL B 278 -25.55 11.48 -30.10
CA VAL B 278 -25.08 12.67 -30.81
C VAL B 278 -23.57 12.77 -30.64
N GLY B 279 -22.86 12.86 -31.76
CA GLY B 279 -21.41 12.97 -31.72
C GLY B 279 -20.97 14.41 -31.90
N GLY B 280 -19.93 14.79 -31.17
CA GLY B 280 -19.41 16.14 -31.28
C GLY B 280 -18.37 16.38 -30.22
N ASP B 281 -17.90 17.62 -30.16
CA ASP B 281 -16.90 18.05 -29.19
C ASP B 281 -17.60 18.84 -28.09
N MET B 282 -17.28 18.51 -26.84
CA MET B 282 -17.91 19.18 -25.70
C MET B 282 -17.58 20.67 -25.68
N PHE B 283 -16.36 21.04 -26.04
CA PHE B 283 -15.90 22.41 -25.92
C PHE B 283 -16.43 23.33 -27.02
N GLU B 284 -17.04 22.78 -28.07
CA GLU B 284 -17.59 23.63 -29.13
C GLU B 284 -19.06 23.94 -28.90
N SER B 285 -19.90 22.92 -28.78
CA SER B 285 -21.33 23.11 -28.58
C SER B 285 -21.90 21.88 -27.90
N VAL B 286 -23.04 22.08 -27.24
CA VAL B 286 -23.75 21.00 -26.56
C VAL B 286 -25.18 20.95 -27.09
N PRO B 287 -25.74 19.78 -27.36
CA PRO B 287 -27.13 19.71 -27.83
C PRO B 287 -28.09 20.29 -26.81
N LYS B 288 -29.15 20.94 -27.31
CA LYS B 288 -30.11 21.60 -26.46
C LYS B 288 -30.93 20.59 -25.68
N GLY B 289 -31.28 20.97 -24.44
CA GLY B 289 -32.09 20.11 -23.59
C GLY B 289 -32.50 20.87 -22.35
N ASP B 290 -33.47 20.29 -21.65
CA ASP B 290 -34.00 20.91 -20.43
C ASP B 290 -33.12 20.65 -19.20
N ALA B 291 -32.19 19.69 -19.29
CA ALA B 291 -31.28 19.43 -18.18
C ALA B 291 -30.03 18.75 -18.72
N ILE B 292 -28.94 18.89 -17.96
CA ILE B 292 -27.65 18.32 -18.32
C ILE B 292 -27.20 17.39 -17.19
N PHE B 293 -26.86 16.16 -17.56
CA PHE B 293 -26.28 15.20 -16.64
C PHE B 293 -24.78 15.07 -16.94
N MET B 294 -23.98 15.03 -15.89
CA MET B 294 -22.54 14.93 -16.02
C MET B 294 -22.01 14.29 -14.74
N LYS B 295 -21.13 13.30 -14.90
CA LYS B 295 -20.62 12.53 -13.78
C LYS B 295 -19.10 12.51 -13.83
N GLY B 296 -18.47 13.21 -12.89
CA GLY B 296 -17.03 13.17 -12.74
C GLY B 296 -16.26 13.58 -13.97
N VAL B 297 -16.67 14.69 -14.61
CA VAL B 297 -15.97 15.22 -15.76
C VAL B 297 -15.34 16.57 -15.45
N LEU B 298 -15.78 17.23 -14.38
CA LEU B 298 -15.18 18.51 -14.00
C LEU B 298 -13.81 18.34 -13.34
N HIS B 299 -13.53 17.17 -12.76
CA HIS B 299 -12.24 16.97 -12.13
C HIS B 299 -11.20 16.40 -13.08
N ASP B 300 -11.58 16.14 -14.34
CA ASP B 300 -10.65 15.65 -15.35
C ASP B 300 -10.04 16.78 -16.18
N TRP B 301 -10.34 18.03 -15.86
CA TRP B 301 -9.86 19.18 -16.62
C TRP B 301 -9.31 20.22 -15.66
N SER B 302 -8.73 21.28 -16.25
CA SER B 302 -8.13 22.35 -15.46
C SER B 302 -9.20 23.33 -14.99
N ASP B 303 -8.77 24.47 -14.44
CA ASP B 303 -9.69 25.49 -13.96
C ASP B 303 -10.10 26.47 -15.05
N ASP B 304 -9.63 26.29 -16.28
CA ASP B 304 -9.98 27.16 -17.38
C ASP B 304 -10.94 26.50 -18.38
N LEU B 305 -10.68 25.24 -18.74
CA LEU B 305 -11.58 24.54 -19.65
C LEU B 305 -12.93 24.27 -19.00
N CYS B 306 -12.95 24.12 -17.68
CA CYS B 306 -14.23 23.94 -16.97
C CYS B 306 -15.13 25.14 -17.14
N LEU B 307 -14.56 26.35 -17.09
CA LEU B 307 -15.36 27.56 -17.31
C LEU B 307 -15.93 27.57 -18.73
N LYS B 308 -15.13 27.17 -19.72
CA LYS B 308 -15.62 27.11 -21.10
C LYS B 308 -16.75 26.11 -21.25
N LEU B 309 -16.60 24.93 -20.63
CA LEU B 309 -17.66 23.92 -20.69
C LEU B 309 -18.94 24.42 -20.02
N LEU B 310 -18.79 25.06 -18.86
CA LEU B 310 -19.96 25.59 -18.15
C LEU B 310 -20.64 26.69 -18.96
N LYS B 311 -19.87 27.53 -19.65
CA LYS B 311 -20.47 28.55 -20.49
C LYS B 311 -21.16 27.94 -21.70
N ASN B 312 -20.61 26.87 -22.26
CA ASN B 312 -21.29 26.16 -23.34
C ASN B 312 -22.62 25.60 -22.87
N CYS B 313 -22.64 25.00 -21.68
CA CYS B 313 -23.90 24.52 -21.10
C CYS B 313 -24.86 25.68 -20.88
N TYR B 314 -24.36 26.81 -20.39
CA TYR B 314 -25.19 28.00 -20.19
C TYR B 314 -25.85 28.43 -21.49
N LYS B 315 -25.08 28.44 -22.59
CA LYS B 315 -25.65 28.78 -23.88
C LYS B 315 -26.68 27.75 -24.33
N ALA B 316 -26.41 26.45 -24.09
CA ALA B 316 -27.31 25.41 -24.57
C ALA B 316 -28.65 25.42 -23.84
N LEU B 317 -28.63 25.71 -22.54
CA LEU B 317 -29.84 25.61 -21.74
C LEU B 317 -30.84 26.70 -22.10
N PRO B 318 -32.14 26.41 -21.97
CA PRO B 318 -33.16 27.45 -22.17
C PRO B 318 -33.25 28.39 -20.98
N ASP B 319 -34.27 29.26 -20.98
CA ASP B 319 -34.46 30.19 -19.87
C ASP B 319 -34.50 29.45 -18.52
N ASN B 320 -35.24 28.36 -18.45
CA ASN B 320 -35.16 27.47 -17.29
C ASN B 320 -33.86 26.67 -17.37
N GLY B 321 -33.21 26.51 -16.22
CA GLY B 321 -31.92 25.87 -16.21
C GLY B 321 -31.69 24.94 -15.03
N LYS B 322 -30.91 23.88 -15.26
CA LYS B 322 -30.64 22.89 -14.23
C LYS B 322 -29.46 22.04 -14.67
N ILE B 323 -28.42 21.98 -13.84
CA ILE B 323 -27.27 21.11 -14.06
C ILE B 323 -27.18 20.14 -12.89
N ILE B 324 -27.22 18.85 -13.19
CA ILE B 324 -27.13 17.80 -12.18
C ILE B 324 -25.75 17.19 -12.31
N ALA B 325 -24.83 17.62 -11.45
CA ALA B 325 -23.45 17.15 -11.49
C ALA B 325 -23.18 16.26 -10.28
N VAL B 326 -22.68 15.07 -10.54
CA VAL B 326 -22.26 14.16 -9.48
C VAL B 326 -20.75 14.35 -9.30
N GLU B 327 -20.34 14.74 -8.09
CA GLU B 327 -18.95 15.09 -7.87
C GLU B 327 -18.51 14.61 -6.49
N ARG B 328 -17.32 15.03 -6.10
CA ARG B 328 -16.74 14.69 -4.82
C ARG B 328 -16.10 15.93 -4.21
N ILE B 329 -16.37 16.16 -2.93
CA ILE B 329 -16.04 17.43 -2.28
C ILE B 329 -14.89 17.22 -1.32
N LEU B 330 -13.80 17.94 -1.53
CA LEU B 330 -12.67 17.91 -0.61
C LEU B 330 -13.01 18.68 0.66
N PRO B 331 -12.81 18.10 1.84
CA PRO B 331 -12.94 18.88 3.07
C PRO B 331 -11.85 19.94 3.15
N GLU B 332 -12.19 21.06 3.80
CA GLU B 332 -11.27 22.19 3.85
C GLU B 332 -10.00 21.86 4.62
N MET B 333 -10.10 21.08 5.69
CA MET B 333 -8.96 20.76 6.54
C MET B 333 -8.83 19.26 6.65
N PRO B 334 -7.61 18.73 6.76
CA PRO B 334 -7.43 17.28 6.88
C PRO B 334 -8.13 16.72 8.11
N ASN B 335 -8.72 15.55 7.96
CA ASN B 335 -9.37 14.87 9.07
C ASN B 335 -9.39 13.38 8.77
N SER B 336 -9.59 12.58 9.83
CA SER B 336 -9.59 11.13 9.68
C SER B 336 -10.81 10.62 8.93
N ALA B 337 -11.83 11.45 8.74
CA ALA B 337 -13.06 11.01 8.10
C ALA B 337 -13.02 11.10 6.57
N GLY B 338 -11.99 11.73 6.01
CA GLY B 338 -11.93 11.95 4.58
C GLY B 338 -10.86 11.21 3.82
N LYS B 339 -10.26 10.16 4.41
CA LYS B 339 -9.14 9.48 3.77
C LYS B 339 -9.47 9.08 2.34
N GLY B 340 -10.62 8.46 2.13
CA GLY B 340 -10.99 7.96 0.82
C GLY B 340 -10.99 9.00 -0.27
N ILE B 341 -11.11 10.28 0.08
CA ILE B 341 -10.99 11.32 -0.93
C ILE B 341 -9.52 11.56 -1.25
N PHE B 342 -8.69 11.83 -0.23
CA PHE B 342 -7.32 12.20 -0.48
C PHE B 342 -6.55 11.11 -1.21
N LEU B 343 -6.73 9.85 -0.80
CA LEU B 343 -6.06 8.75 -1.47
C LEU B 343 -6.33 8.76 -2.97
N MET B 344 -7.52 9.19 -3.38
CA MET B 344 -7.82 9.23 -4.81
C MET B 344 -7.38 10.52 -5.44
N ASP B 345 -7.33 11.62 -4.68
CA ASP B 345 -6.86 12.88 -5.25
C ASP B 345 -5.42 12.76 -5.74
N LEU B 346 -4.54 12.18 -4.90
CA LEU B 346 -3.16 11.96 -5.33
C LEU B 346 -3.09 11.00 -6.50
N GLN B 347 -4.14 10.19 -6.72
CA GLN B 347 -4.16 9.33 -7.88
C GLN B 347 -4.31 10.13 -9.16
N MET B 348 -5.07 11.23 -9.11
CA MET B 348 -5.36 11.99 -10.32
C MET B 348 -4.17 12.83 -10.76
N MET B 349 -3.42 13.39 -9.82
CA MET B 349 -2.36 14.32 -10.21
C MET B 349 -1.18 13.59 -10.86
N THR B 350 -1.01 12.30 -10.55
CA THR B 350 0.06 11.50 -11.12
C THR B 350 -0.41 10.65 -12.29
N HIS B 351 -1.62 10.87 -12.77
CA HIS B 351 -2.10 10.23 -14.00
C HIS B 351 -2.53 11.23 -15.06
N HIS B 352 -3.20 12.33 -14.70
CA HIS B 352 -3.44 13.44 -15.60
C HIS B 352 -3.45 14.73 -14.77
N LEU B 353 -2.30 15.40 -14.69
CA LEU B 353 -2.15 16.52 -13.77
C LEU B 353 -2.97 17.73 -14.18
N GLY B 354 -3.51 17.75 -15.40
CA GLY B 354 -4.41 18.83 -15.77
C GLY B 354 -5.62 18.89 -14.87
N GLY B 355 -6.13 17.73 -14.44
CA GLY B 355 -7.28 17.70 -13.57
C GLY B 355 -6.92 17.63 -12.10
N ARG B 356 -7.87 18.02 -11.26
CA ARG B 356 -7.68 18.06 -9.81
C ARG B 356 -9.04 18.04 -9.15
N GLU B 357 -9.04 17.75 -7.85
CA GLU B 357 -10.26 17.80 -7.06
C GLU B 357 -10.43 19.16 -6.42
N ARG B 358 -11.69 19.53 -6.19
CA ARG B 358 -12.04 20.87 -5.74
C ARG B 358 -12.97 20.78 -4.53
N THR B 359 -12.99 21.86 -3.76
CA THR B 359 -13.91 21.98 -2.63
C THR B 359 -15.17 22.70 -3.06
N GLN B 360 -16.09 22.87 -2.10
CA GLN B 360 -17.37 23.49 -2.40
C GLN B 360 -17.19 24.94 -2.87
N GLN B 361 -16.27 25.67 -2.25
CA GLN B 361 -16.08 27.07 -2.61
C GLN B 361 -15.61 27.21 -4.05
N GLU B 362 -14.71 26.33 -4.50
CA GLU B 362 -14.25 26.40 -5.88
C GLU B 362 -15.37 26.09 -6.87
N TYR B 363 -16.22 25.11 -6.56
CA TYR B 363 -17.37 24.84 -7.43
C TYR B 363 -18.30 26.04 -7.49
N PHE B 364 -18.55 26.67 -6.35
CA PHE B 364 -19.41 27.86 -6.32
C PHE B 364 -18.80 28.99 -7.15
N ASP B 365 -17.49 29.20 -7.01
CA ASP B 365 -16.83 30.23 -7.79
C ASP B 365 -16.91 29.96 -9.29
N LEU B 366 -16.69 28.72 -9.70
CA LEU B 366 -16.81 28.37 -11.12
C LEU B 366 -18.22 28.60 -11.61
N ALA B 367 -19.22 28.20 -10.82
CA ALA B 367 -20.61 28.36 -11.23
C ALA B 367 -20.97 29.83 -11.40
N ILE B 368 -20.58 30.68 -10.44
CA ILE B 368 -20.92 32.10 -10.57
C ILE B 368 -20.08 32.77 -11.65
N SER B 369 -18.90 32.21 -11.96
CA SER B 369 -18.15 32.72 -13.10
C SER B 369 -18.83 32.38 -14.42
N ALA B 370 -19.48 31.21 -14.48
CA ALA B 370 -20.22 30.84 -15.68
C ALA B 370 -21.51 31.63 -15.84
N GLY B 371 -21.96 32.32 -14.79
CA GLY B 371 -23.20 33.08 -14.84
C GLY B 371 -24.38 32.42 -14.18
N PHE B 372 -24.22 31.23 -13.60
CA PHE B 372 -25.32 30.57 -12.91
C PHE B 372 -25.61 31.29 -11.58
N SER B 373 -26.88 31.23 -11.16
CA SER B 373 -27.28 31.87 -9.93
C SER B 373 -26.64 31.24 -8.70
N GLY B 374 -26.47 29.93 -8.67
CA GLY B 374 -25.89 29.28 -7.52
C GLY B 374 -25.99 27.78 -7.61
N ILE B 375 -25.48 27.13 -6.57
CA ILE B 375 -25.43 25.68 -6.47
C ILE B 375 -26.07 25.24 -5.17
N ARG B 376 -26.48 23.97 -5.13
CA ARG B 376 -27.10 23.37 -3.96
C ARG B 376 -26.69 21.91 -3.86
N LEU B 377 -26.32 21.48 -2.66
CA LEU B 377 -25.95 20.10 -2.41
C LEU B 377 -27.19 19.34 -1.98
N GLU B 378 -27.57 18.31 -2.75
CA GLU B 378 -28.85 17.64 -2.49
C GLU B 378 -28.70 16.46 -1.52
N CYS B 379 -27.88 15.47 -1.89
CA CYS B 379 -27.75 14.27 -1.07
C CYS B 379 -26.40 13.63 -1.30
N LEU B 380 -25.92 12.91 -0.29
CA LEU B 380 -24.68 12.16 -0.40
C LEU B 380 -25.00 10.71 -0.73
N VAL B 381 -24.51 10.25 -1.88
CA VAL B 381 -24.77 8.90 -2.36
C VAL B 381 -23.44 8.23 -2.67
N CYS B 382 -23.15 7.13 -1.96
CA CYS B 382 -21.94 6.35 -2.18
C CYS B 382 -20.68 7.20 -2.08
N ASN B 383 -20.65 8.06 -1.06
CA ASN B 383 -19.52 8.95 -0.80
C ASN B 383 -19.36 10.01 -1.88
N LEU B 384 -20.34 10.14 -2.76
CA LEU B 384 -20.36 11.20 -3.77
C LEU B 384 -21.54 12.15 -3.53
N TRP B 385 -21.35 13.40 -3.91
CA TRP B 385 -22.33 14.46 -3.68
C TRP B 385 -23.03 14.81 -4.98
N VAL B 386 -24.35 14.89 -4.94
CA VAL B 386 -25.14 15.36 -6.06
C VAL B 386 -25.33 16.87 -5.89
N ILE B 387 -24.99 17.63 -6.94
CA ILE B 387 -25.02 19.09 -6.89
C ILE B 387 -25.92 19.60 -8.00
N GLU B 388 -26.86 20.47 -7.65
CA GLU B 388 -27.73 21.14 -8.60
C GLU B 388 -27.25 22.57 -8.79
N LEU B 389 -26.83 22.89 -10.01
CA LEU B 389 -26.51 24.25 -10.39
C LEU B 389 -27.71 24.84 -11.12
N TYR B 390 -28.27 25.91 -10.57
CA TYR B 390 -29.49 26.48 -11.12
C TYR B 390 -29.19 27.79 -11.83
N LYS B 391 -29.83 27.97 -12.98
CA LYS B 391 -29.62 29.13 -13.84
C LYS B 391 -30.22 30.39 -13.22
#